data_4MPO
#
_entry.id   4MPO
#
_cell.length_a   182.528
_cell.length_b   102.813
_cell.length_c   65.363
_cell.angle_alpha   90.00
_cell.angle_beta   94.03
_cell.angle_gamma   90.00
#
_symmetry.space_group_name_H-M   'C 1 2 1'
#
loop_
_entity.id
_entity.type
_entity.pdbx_description
1 polymer CT771
2 non-polymer 'CHLORIDE ION'
3 non-polymer 'ADENOSINE MONOPHOSPHATE'
4 non-polymer 'PHOSPHATE ION'
5 non-polymer 'MAGNESIUM ION'
6 water water
#
_entity_poly.entity_id   1
_entity_poly.type   'polypeptide(L)'
_entity_poly.pdbx_seq_one_letter_code
;SNAMMKTKHEYSFGVIPIRFFGTPDRSTLKACFICHTDGKHWGFPKGHAEEKEGPQEAAERELVEETGLGIVNFFPKIFV
ENYSFNDKEEIFVRKEVTYFLAEVKGEVHADPDEICDVQWLSFQEGLRLLNFPEIRNIVTEADKFVQSYLFAS
;
_entity_poly.pdbx_strand_id   A,B,C,D,E,F,G,H
#
loop_
_chem_comp.id
_chem_comp.type
_chem_comp.name
_chem_comp.formula
AMP non-polymer 'ADENOSINE MONOPHOSPHATE' 'C10 H14 N5 O7 P'
CL non-polymer 'CHLORIDE ION' 'Cl -1'
MG non-polymer 'MAGNESIUM ION' 'Mg 2'
PO4 non-polymer 'PHOSPHATE ION' 'O4 P -3'
#
# COMPACT_ATOMS: atom_id res chain seq x y z
N THR A 7 16.25 36.97 22.44
CA THR A 7 17.18 35.84 22.61
C THR A 7 17.01 35.14 23.96
N LYS A 8 16.04 34.24 24.04
CA LYS A 8 15.62 33.64 25.30
C LYS A 8 16.46 32.40 25.64
N HIS A 9 16.34 31.99 26.90
CA HIS A 9 16.94 30.75 27.38
C HIS A 9 15.81 29.85 27.88
N GLU A 10 15.80 28.59 27.44
CA GLU A 10 14.77 27.63 27.80
C GLU A 10 15.43 26.47 28.53
N TYR A 11 14.75 25.92 29.52
CA TYR A 11 15.29 24.85 30.37
C TYR A 11 14.26 23.73 30.46
N SER A 12 14.69 22.49 30.19
CA SER A 12 13.78 21.36 30.20
C SER A 12 14.39 20.15 30.89
N PHE A 13 13.50 19.28 31.34
CA PHE A 13 13.86 18.12 32.17
C PHE A 13 13.09 16.91 31.69
N GLY A 14 13.81 15.79 31.52
CA GLY A 14 13.19 14.62 30.91
C GLY A 14 13.73 13.34 31.49
N VAL A 15 13.20 12.22 30.99
CA VAL A 15 13.62 10.91 31.43
C VAL A 15 13.92 10.08 30.20
N ILE A 16 15.04 9.38 30.23
CA ILE A 16 15.30 8.25 29.33
C ILE A 16 14.69 7.01 29.96
N PRO A 17 13.54 6.50 29.45
CA PRO A 17 12.84 5.42 30.16
C PRO A 17 13.34 4.08 29.63
N ILE A 18 13.74 3.17 30.50
CA ILE A 18 14.30 1.89 30.08
C ILE A 18 13.56 0.78 30.79
N ARG A 19 13.62 -0.40 30.18
CA ARG A 19 12.92 -1.57 30.68
C ARG A 19 13.62 -2.80 30.08
N PHE A 20 13.58 -3.90 30.82
CA PHE A 20 14.11 -5.17 30.34
C PHE A 20 12.96 -6.06 29.87
N PHE A 21 12.97 -6.39 28.58
CA PHE A 21 12.04 -7.36 28.02
C PHE A 21 12.67 -8.74 28.17
N GLY A 22 12.61 -9.25 29.39
CA GLY A 22 13.18 -10.54 29.76
C GLY A 22 14.30 -10.39 30.77
N THR A 23 15.01 -11.49 30.97
CA THR A 23 16.08 -11.57 31.95
C THR A 23 17.13 -10.48 31.70
N PRO A 24 17.32 -9.52 32.61
CA PRO A 24 18.17 -8.35 32.31
C PRO A 24 19.55 -8.72 31.76
N ASP A 25 19.95 -8.01 30.70
CA ASP A 25 21.22 -8.22 30.00
C ASP A 25 21.30 -7.23 28.84
N ARG A 26 22.50 -7.12 28.26
CA ARG A 26 22.74 -6.17 27.18
C ARG A 26 21.70 -6.33 26.07
N SER A 27 21.36 -7.58 25.73
CA SER A 27 20.48 -7.87 24.59
C SER A 27 19.01 -7.58 24.86
N THR A 28 18.63 -7.34 26.12
CA THR A 28 17.24 -7.24 26.51
C THR A 28 16.84 -5.86 27.04
N LEU A 29 17.80 -4.96 27.26
CA LEU A 29 17.48 -3.58 27.59
C LEU A 29 16.85 -2.87 26.40
N LYS A 30 15.70 -2.22 26.62
CA LYS A 30 15.18 -1.28 25.63
C LYS A 30 14.82 0.04 26.30
N ALA A 31 14.85 1.08 25.49
CA ALA A 31 14.45 2.41 25.90
C ALA A 31 13.23 2.87 25.11
N CYS A 32 12.45 3.77 25.71
CA CYS A 32 11.22 4.26 25.12
C CYS A 32 11.52 5.51 24.29
N PHE A 33 11.75 5.32 22.98
CA PHE A 33 11.92 6.43 22.07
C PHE A 33 10.55 6.96 21.64
N ILE A 34 10.41 8.29 21.59
CA ILE A 34 9.14 8.92 21.24
C ILE A 34 9.37 9.90 20.10
N CYS A 35 8.32 10.11 19.32
CA CYS A 35 8.29 11.11 18.27
C CYS A 35 7.54 12.32 18.78
N HIS A 36 8.15 13.50 18.64
CA HIS A 36 7.58 14.75 19.16
C HIS A 36 6.54 15.29 18.20
N THR A 37 5.29 15.43 18.67
CA THR A 37 4.23 15.98 17.84
C THR A 37 4.62 17.30 17.21
N ASP A 38 5.23 18.19 17.99
CA ASP A 38 5.66 19.49 17.48
C ASP A 38 7.05 19.32 16.87
N GLY A 39 7.10 18.96 15.61
CA GLY A 39 8.36 18.87 14.87
C GLY A 39 8.63 17.53 14.19
N LYS A 40 8.05 16.47 14.73
CA LYS A 40 8.19 15.09 14.26
C LYS A 40 9.62 14.56 14.29
N HIS A 41 10.49 15.15 15.11
CA HIS A 41 11.79 14.58 15.44
C HIS A 41 11.67 13.63 16.64
N TRP A 42 12.65 12.75 16.78
CA TRP A 42 12.60 11.71 17.79
C TRP A 42 13.51 12.09 18.96
N GLY A 43 13.20 11.49 20.11
CA GLY A 43 13.88 11.85 21.35
C GLY A 43 13.26 11.11 22.52
N PHE A 44 13.30 11.74 23.69
CA PHE A 44 12.73 11.18 24.90
C PHE A 44 11.79 12.19 25.54
N PRO A 45 10.87 11.74 26.40
CA PRO A 45 9.91 12.68 27.00
C PRO A 45 10.64 13.73 27.84
N LYS A 46 10.13 14.97 27.82
CA LYS A 46 10.78 16.06 28.53
C LYS A 46 9.81 17.21 28.65
N GLY A 47 10.10 18.12 29.57
CA GLY A 47 9.29 19.33 29.62
C GLY A 47 9.76 20.31 30.68
N HIS A 48 8.93 21.32 30.89
CA HIS A 48 9.33 22.46 31.69
C HIS A 48 8.94 22.26 33.15
N ALA A 49 9.80 22.73 34.04
CA ALA A 49 9.52 22.67 35.46
C ALA A 49 8.41 23.66 35.83
N GLU A 50 7.46 23.20 36.64
CA GLU A 50 6.48 24.11 37.24
C GLU A 50 7.13 24.88 38.38
N GLU A 51 6.49 25.99 38.76
CA GLU A 51 7.11 26.94 39.69
C GLU A 51 7.60 26.24 40.96
N LYS A 52 8.88 26.45 41.29
CA LYS A 52 9.52 25.91 42.48
C LYS A 52 9.76 24.40 42.42
N GLU A 53 9.38 23.73 41.33
CA GLU A 53 9.61 22.29 41.21
C GLU A 53 11.11 22.00 41.03
N GLY A 54 11.59 20.94 41.66
CA GLY A 54 12.95 20.47 41.45
C GLY A 54 13.07 19.79 40.08
N PRO A 55 14.27 19.75 39.50
CA PRO A 55 14.43 19.09 38.18
C PRO A 55 13.91 17.66 38.11
N GLN A 56 14.20 16.84 39.12
CA GLN A 56 13.79 15.44 39.10
C GLN A 56 12.27 15.30 39.24
N GLU A 57 11.68 16.15 40.08
CA GLU A 57 10.22 16.21 40.16
C GLU A 57 9.61 16.62 38.83
N ALA A 58 10.18 17.64 38.19
CA ALA A 58 9.64 18.04 36.89
C ALA A 58 9.80 16.90 35.88
N ALA A 59 10.94 16.22 35.88
CA ALA A 59 11.14 15.13 34.92
C ALA A 59 10.12 14.00 35.13
N GLU A 60 9.89 13.60 36.39
CA GLU A 60 8.92 12.54 36.71
C GLU A 60 7.52 12.92 36.26
N ARG A 61 7.10 14.14 36.57
CA ARG A 61 5.75 14.56 36.21
C ARG A 61 5.58 14.63 34.71
N GLU A 62 6.59 15.14 33.99
CA GLU A 62 6.47 15.22 32.53
C GLU A 62 6.41 13.83 31.89
N LEU A 63 7.18 12.87 32.42
CA LEU A 63 7.10 11.49 31.92
C LEU A 63 5.70 10.91 32.10
N VAL A 64 5.13 11.04 33.31
CA VAL A 64 3.79 10.50 33.57
C VAL A 64 2.75 11.21 32.72
N GLU A 65 2.85 12.52 32.60
CA GLU A 65 1.89 13.26 31.80
C GLU A 65 1.89 12.79 30.35
N GLU A 66 3.09 12.57 29.78
CA GLU A 66 3.25 12.38 28.35
C GLU A 66 3.10 10.92 27.93
N THR A 67 3.42 9.96 28.80
CA THR A 67 3.42 8.53 28.45
C THR A 67 2.63 7.63 29.38
N GLY A 68 2.20 8.13 30.55
CA GLY A 68 1.62 7.28 31.56
C GLY A 68 2.57 6.32 32.28
N LEU A 69 3.87 6.32 31.96
CA LEU A 69 4.82 5.44 32.63
C LEU A 69 5.15 5.93 34.04
N GLY A 70 5.34 4.99 34.96
CA GLY A 70 5.80 5.27 36.30
C GLY A 70 7.23 4.82 36.56
N ILE A 71 7.87 5.46 37.53
CA ILE A 71 9.27 5.20 37.85
C ILE A 71 9.37 3.97 38.75
N VAL A 72 10.22 3.03 38.36
CA VAL A 72 10.60 1.95 39.27
C VAL A 72 11.78 2.44 40.12
N ASN A 73 12.89 2.79 39.48
CA ASN A 73 14.08 3.32 40.14
C ASN A 73 14.78 4.26 39.17
N PHE A 74 15.28 5.39 39.70
CA PHE A 74 16.27 6.18 38.98
C PHE A 74 17.64 5.54 39.06
N PHE A 75 18.41 5.68 37.98
CA PHE A 75 19.84 5.39 38.05
C PHE A 75 20.61 6.63 38.45
N PRO A 76 21.84 6.47 39.01
CA PRO A 76 22.63 7.60 39.54
C PRO A 76 23.40 8.26 38.42
N LYS A 77 22.67 8.90 37.49
CA LYS A 77 23.30 9.39 36.29
C LYS A 77 22.36 10.36 35.59
N ILE A 78 22.91 11.48 35.15
CA ILE A 78 22.16 12.39 34.30
C ILE A 78 22.98 12.69 33.04
N PHE A 79 22.27 13.23 32.05
CA PHE A 79 22.80 13.55 30.73
C PHE A 79 22.27 14.93 30.38
N VAL A 80 23.11 15.75 29.75
CA VAL A 80 22.74 17.14 29.44
C VAL A 80 23.02 17.41 27.96
N GLU A 81 22.09 18.12 27.30
CA GLU A 81 22.33 18.62 25.95
C GLU A 81 22.00 20.10 25.86
N ASN A 82 22.67 20.78 24.91
CA ASN A 82 22.50 22.19 24.68
C ASN A 82 22.40 22.42 23.17
N TYR A 83 21.33 23.07 22.74
CA TYR A 83 21.12 23.35 21.33
C TYR A 83 20.36 24.67 21.19
N SER A 84 20.33 25.18 19.96
CA SER A 84 19.74 26.48 19.67
C SER A 84 18.86 26.37 18.43
N PHE A 85 17.81 27.18 18.39
CA PHE A 85 16.86 27.14 17.28
C PHE A 85 16.08 28.44 17.26
N ASN A 86 15.29 28.61 16.21
CA ASN A 86 14.36 29.74 16.09
C ASN A 86 12.94 29.20 16.25
N ASP A 87 12.12 29.90 17.04
CA ASP A 87 10.80 29.37 17.37
C ASP A 87 9.76 29.80 16.32
N LYS A 88 8.49 29.51 16.60
CA LYS A 88 7.41 29.80 15.66
C LYS A 88 7.38 31.29 15.31
N GLU A 89 7.64 32.15 16.29
CA GLU A 89 7.66 33.59 16.11
C GLU A 89 9.03 34.13 15.72
N GLU A 90 9.95 33.24 15.33
CA GLU A 90 11.27 33.60 14.80
C GLU A 90 12.24 34.14 15.87
N ILE A 91 12.00 33.85 17.17
CA ILE A 91 12.92 34.22 18.23
C ILE A 91 14.01 33.16 18.40
N PHE A 92 15.25 33.61 18.54
CA PHE A 92 16.39 32.71 18.75
C PHE A 92 16.37 32.19 20.20
N VAL A 93 16.40 30.86 20.35
CA VAL A 93 16.31 30.20 21.65
C VAL A 93 17.58 29.40 21.88
N ARG A 94 18.12 29.52 23.09
CA ARG A 94 19.16 28.64 23.59
C ARG A 94 18.52 27.71 24.61
N LYS A 95 18.56 26.40 24.35
CA LYS A 95 17.82 25.44 25.14
C LYS A 95 18.79 24.46 25.80
N GLU A 96 18.51 24.15 27.06
CA GLU A 96 19.28 23.17 27.82
C GLU A 96 18.30 22.12 28.32
N VAL A 97 18.61 20.85 28.06
CA VAL A 97 17.74 19.74 28.44
C VAL A 97 18.55 18.79 29.33
N THR A 98 18.01 18.49 30.50
CA THR A 98 18.63 17.56 31.43
C THR A 98 17.79 16.28 31.42
N TYR A 99 18.41 15.14 31.13
CA TYR A 99 17.72 13.86 31.17
C TYR A 99 18.17 13.03 32.36
N PHE A 100 17.19 12.59 33.15
CA PHE A 100 17.39 11.50 34.07
C PHE A 100 17.25 10.18 33.32
N LEU A 101 17.68 9.11 33.98
CA LEU A 101 17.62 7.75 33.42
C LEU A 101 16.95 6.88 34.46
N ALA A 102 15.89 6.16 34.06
CA ALA A 102 15.07 5.43 35.01
C ALA A 102 14.54 4.14 34.41
N GLU A 103 14.59 3.08 35.21
CA GLU A 103 13.78 1.88 34.92
C GLU A 103 12.31 2.22 35.17
N VAL A 104 11.44 1.90 34.21
CA VAL A 104 10.04 2.31 34.29
C VAL A 104 9.12 1.09 34.22
N LYS A 105 7.86 1.33 34.59
CA LYS A 105 6.82 0.31 34.54
C LYS A 105 5.53 0.94 34.03
N GLY A 106 4.61 0.08 33.64
CA GLY A 106 3.34 0.46 33.06
C GLY A 106 3.32 0.20 31.56
N GLU A 107 2.12 0.27 31.00
CA GLU A 107 1.94 0.28 29.56
C GLU A 107 1.95 1.72 29.08
N VAL A 108 2.60 1.96 27.95
CA VAL A 108 2.68 3.32 27.41
C VAL A 108 1.30 3.75 26.92
N HIS A 109 0.90 4.96 27.29
CA HIS A 109 -0.31 5.60 26.76
C HIS A 109 0.07 7.04 26.45
N ALA A 110 0.50 7.27 25.21
CA ALA A 110 1.04 8.57 24.84
C ALA A 110 -0.04 9.64 24.84
N ASP A 111 0.31 10.80 25.33
CA ASP A 111 -0.54 11.98 25.15
C ASP A 111 -0.39 12.52 23.73
N PRO A 112 -1.38 12.35 22.84
CA PRO A 112 -1.14 12.72 21.43
C PRO A 112 -0.86 14.20 21.19
N ASP A 113 -1.12 15.08 22.15
CA ASP A 113 -0.75 16.49 21.99
C ASP A 113 0.76 16.70 22.00
N GLU A 114 1.52 15.74 22.52
CA GLU A 114 2.96 15.90 22.58
C GLU A 114 3.72 14.75 21.92
N ILE A 115 3.16 13.54 21.95
CA ILE A 115 3.82 12.34 21.45
C ILE A 115 2.94 11.76 20.36
N CYS A 116 3.50 11.58 19.17
CA CYS A 116 2.75 11.04 18.05
C CYS A 116 3.25 9.67 17.59
N ASP A 117 4.32 9.14 18.19
CA ASP A 117 4.76 7.78 17.92
C ASP A 117 5.67 7.32 19.07
N VAL A 118 5.73 6.01 19.28
CA VAL A 118 6.50 5.40 20.36
C VAL A 118 7.16 4.14 19.84
N GLN A 119 8.43 3.94 20.21
CA GLN A 119 9.11 2.69 19.92
C GLN A 119 10.05 2.30 21.05
N TRP A 120 9.88 1.09 21.58
CA TRP A 120 10.86 0.51 22.49
C TRP A 120 11.98 -0.13 21.67
N LEU A 121 13.18 0.44 21.77
CA LEU A 121 14.34 0.02 21.00
C LEU A 121 15.58 -0.06 21.86
N SER A 122 16.57 -0.83 21.40
CA SER A 122 17.90 -0.73 21.99
C SER A 122 18.46 0.65 21.68
N PHE A 123 19.44 1.08 22.47
CA PHE A 123 20.03 2.38 22.20
C PHE A 123 20.61 2.46 20.78
N GLN A 124 21.20 1.37 20.28
CA GLN A 124 21.78 1.41 18.95
C GLN A 124 20.71 1.43 17.86
N GLU A 125 19.61 0.67 18.04
CA GLU A 125 18.48 0.74 17.11
C GLU A 125 17.90 2.14 17.09
N GLY A 126 17.66 2.70 18.28
CA GLY A 126 17.02 4.00 18.34
C GLY A 126 17.89 5.12 17.77
N LEU A 127 19.21 4.94 17.80
CA LEU A 127 20.13 5.93 17.22
C LEU A 127 19.82 6.20 15.76
N ARG A 128 19.36 5.17 15.03
CA ARG A 128 19.01 5.30 13.62
C ARG A 128 17.89 6.31 13.39
N LEU A 129 17.03 6.54 14.40
CA LEU A 129 15.94 7.50 14.30
C LEU A 129 16.36 8.93 14.59
N LEU A 130 17.62 9.18 14.96
CA LEU A 130 18.04 10.47 15.47
C LEU A 130 18.91 11.19 14.43
N ASN A 131 18.59 12.45 14.14
CA ASN A 131 19.40 13.24 13.21
C ASN A 131 20.22 14.33 13.90
N PHE A 132 19.62 15.09 14.84
CA PHE A 132 20.36 16.16 15.50
C PHE A 132 21.58 15.61 16.25
N PRO A 133 22.75 16.23 16.12
CA PRO A 133 23.94 15.70 16.81
C PRO A 133 23.82 15.67 18.33
N GLU A 134 23.19 16.66 18.95
CA GLU A 134 23.19 16.74 20.40
C GLU A 134 22.46 15.55 21.04
N ILE A 135 21.32 15.12 20.46
CA ILE A 135 20.62 14.00 21.06
C ILE A 135 21.34 12.69 20.72
N ARG A 136 22.04 12.63 19.57
CA ARG A 136 22.86 11.46 19.27
C ARG A 136 23.97 11.29 20.30
N ASN A 137 24.60 12.40 20.71
CA ASN A 137 25.58 12.35 21.80
C ASN A 137 24.95 11.79 23.07
N ILE A 138 23.71 12.21 23.39
CA ILE A 138 23.03 11.71 24.58
C ILE A 138 22.93 10.20 24.55
N VAL A 139 22.40 9.66 23.45
CA VAL A 139 22.21 8.21 23.37
C VAL A 139 23.53 7.46 23.35
N THR A 140 24.56 8.04 22.69
CA THR A 140 25.89 7.44 22.73
C THR A 140 26.41 7.37 24.16
N GLU A 141 26.27 8.45 24.91
CA GLU A 141 26.71 8.40 26.31
C GLU A 141 25.87 7.42 27.13
N ALA A 142 24.56 7.38 26.91
CA ALA A 142 23.70 6.47 27.69
C ALA A 142 24.04 5.02 27.40
N ASP A 143 24.29 4.70 26.14
CA ASP A 143 24.70 3.35 25.80
C ASP A 143 26.04 3.02 26.46
N LYS A 144 26.96 3.98 26.48
CA LYS A 144 28.24 3.76 27.16
C LYS A 144 28.04 3.54 28.66
N PHE A 145 27.09 4.25 29.25
CA PHE A 145 26.86 4.12 30.69
C PHE A 145 26.29 2.76 31.05
N VAL A 146 25.23 2.31 30.36
CA VAL A 146 24.58 1.07 30.78
C VAL A 146 25.55 -0.10 30.63
N GLN A 147 26.46 -0.03 29.66
CA GLN A 147 27.46 -1.08 29.49
C GLN A 147 28.45 -1.11 30.67
N SER A 148 28.95 0.03 31.10
CA SER A 148 29.86 0.02 32.24
C SER A 148 29.11 -0.23 33.55
N TYR A 149 27.92 0.36 33.71
CA TYR A 149 27.24 0.30 35.01
C TYR A 149 26.60 -1.06 35.28
N LEU A 150 25.94 -1.64 34.27
CA LEU A 150 25.20 -2.88 34.44
C LEU A 150 25.91 -4.08 33.82
N PHE A 151 26.39 -3.95 32.58
CA PHE A 151 26.94 -5.08 31.85
C PHE A 151 28.45 -5.24 32.10
N MET B 4 -38.08 -24.89 -24.29
CA MET B 4 -36.97 -24.93 -25.28
C MET B 4 -35.80 -24.09 -24.79
N MET B 5 -34.80 -23.95 -25.66
CA MET B 5 -33.61 -23.16 -25.41
C MET B 5 -32.78 -23.15 -26.70
N LYS B 6 -32.50 -21.95 -27.22
CA LYS B 6 -31.66 -21.86 -28.42
C LYS B 6 -30.24 -22.21 -28.06
N THR B 7 -29.65 -23.17 -28.78
CA THR B 7 -28.42 -23.81 -28.36
C THR B 7 -27.41 -23.81 -29.50
N LYS B 8 -26.14 -23.54 -29.15
CA LYS B 8 -25.01 -23.61 -30.07
C LYS B 8 -23.95 -24.53 -29.46
N HIS B 9 -23.09 -25.08 -30.32
CA HIS B 9 -22.00 -25.94 -29.90
C HIS B 9 -20.67 -25.33 -30.35
N GLU B 10 -19.70 -25.33 -29.46
CA GLU B 10 -18.42 -24.66 -29.67
C GLU B 10 -17.31 -25.63 -29.27
N TYR B 11 -16.22 -25.64 -30.03
CA TYR B 11 -15.10 -26.56 -29.81
C TYR B 11 -13.82 -25.75 -29.72
N SER B 12 -12.99 -26.06 -28.71
CA SER B 12 -11.73 -25.37 -28.52
C SER B 12 -10.63 -26.35 -28.16
N PHE B 13 -9.39 -25.91 -28.39
CA PHE B 13 -8.22 -26.70 -28.19
C PHE B 13 -7.13 -25.86 -27.54
N GLY B 14 -6.48 -26.45 -26.54
CA GLY B 14 -5.50 -25.72 -25.75
C GLY B 14 -4.34 -26.56 -25.27
N VAL B 15 -3.44 -25.90 -24.53
CA VAL B 15 -2.26 -26.54 -23.96
C VAL B 15 -2.16 -26.17 -22.50
N ILE B 16 -1.91 -27.18 -21.66
CA ILE B 16 -1.44 -27.00 -20.28
C ILE B 16 0.07 -26.90 -20.37
N PRO B 17 0.66 -25.67 -20.36
CA PRO B 17 2.10 -25.54 -20.61
C PRO B 17 2.88 -25.73 -19.33
N ILE B 18 3.80 -26.69 -19.29
CA ILE B 18 4.54 -26.91 -18.06
C ILE B 18 6.02 -26.71 -18.32
N ARG B 19 6.74 -26.44 -17.24
CA ARG B 19 8.16 -26.13 -17.28
C ARG B 19 8.78 -26.59 -15.97
N PHE B 20 10.01 -27.11 -16.03
CA PHE B 20 10.77 -27.50 -14.84
C PHE B 20 11.79 -26.40 -14.55
N PHE B 21 11.51 -25.59 -13.53
CA PHE B 21 12.42 -24.52 -13.12
C PHE B 21 13.49 -25.11 -12.19
N GLY B 22 14.36 -25.95 -12.78
CA GLY B 22 15.45 -26.55 -12.04
C GLY B 22 15.52 -28.04 -12.28
N THR B 23 16.11 -28.75 -11.32
CA THR B 23 16.25 -30.19 -11.42
C THR B 23 14.86 -30.84 -11.43
N PRO B 24 14.45 -31.52 -12.53
CA PRO B 24 13.05 -31.99 -12.62
C PRO B 24 12.63 -32.95 -11.51
N ASP B 25 11.74 -32.46 -10.66
CA ASP B 25 11.06 -33.27 -9.65
C ASP B 25 9.71 -32.61 -9.39
N ARG B 26 8.81 -33.36 -8.76
CA ARG B 26 7.43 -32.90 -8.60
C ARG B 26 7.33 -31.52 -7.97
N SER B 27 8.39 -31.04 -7.34
CA SER B 27 8.34 -29.75 -6.66
C SER B 27 8.71 -28.58 -7.59
N THR B 28 9.67 -28.78 -8.48
CA THR B 28 10.11 -27.72 -9.37
C THR B 28 9.16 -27.51 -10.55
N LEU B 29 8.24 -28.44 -10.80
CA LEU B 29 7.32 -28.34 -11.93
C LEU B 29 6.36 -27.17 -11.71
N LYS B 30 6.16 -26.35 -12.75
CA LYS B 30 5.13 -25.31 -12.73
C LYS B 30 4.38 -25.29 -14.05
N ALA B 31 3.10 -24.96 -13.98
CA ALA B 31 2.28 -24.75 -15.15
C ALA B 31 1.99 -23.26 -15.32
N CYS B 32 1.82 -22.84 -16.57
CA CYS B 32 1.55 -21.45 -16.94
C CYS B 32 0.05 -21.19 -16.94
N PHE B 33 -0.45 -20.73 -15.80
CA PHE B 33 -1.84 -20.36 -15.63
C PHE B 33 -2.06 -18.94 -16.14
N ILE B 34 -3.17 -18.72 -16.85
CA ILE B 34 -3.45 -17.43 -17.46
C ILE B 34 -4.83 -16.94 -17.06
N CYS B 35 -4.97 -15.60 -17.08
CA CYS B 35 -6.21 -14.92 -16.80
C CYS B 35 -6.79 -14.44 -18.13
N HIS B 36 -8.05 -14.77 -18.37
CA HIS B 36 -8.71 -14.41 -19.62
C HIS B 36 -9.19 -12.95 -19.56
N THR B 37 -8.70 -12.14 -20.50
CA THR B 37 -9.13 -10.74 -20.63
C THR B 37 -10.66 -10.61 -20.64
N ASP B 38 -11.35 -11.55 -21.29
CA ASP B 38 -12.81 -11.54 -21.37
C ASP B 38 -13.37 -12.45 -20.28
N GLY B 39 -13.67 -11.87 -19.12
CA GLY B 39 -14.28 -12.59 -18.02
C GLY B 39 -13.45 -12.55 -16.74
N LYS B 40 -12.14 -12.42 -16.88
CA LYS B 40 -11.18 -12.34 -15.77
C LYS B 40 -11.13 -13.63 -14.95
N HIS B 41 -11.55 -14.74 -15.54
CA HIS B 41 -11.36 -16.05 -14.93
C HIS B 41 -10.05 -16.66 -15.40
N TRP B 42 -9.56 -17.66 -14.64
CA TRP B 42 -8.27 -18.28 -14.88
C TRP B 42 -8.42 -19.64 -15.58
N GLY B 43 -7.36 -20.03 -16.26
CA GLY B 43 -7.35 -21.28 -16.99
C GLY B 43 -6.05 -21.45 -17.75
N PHE B 44 -6.10 -22.07 -18.92
CA PHE B 44 -4.92 -22.32 -19.74
C PHE B 44 -5.22 -21.79 -21.12
N PRO B 45 -4.19 -21.51 -21.94
CA PRO B 45 -4.46 -21.00 -23.29
C PRO B 45 -5.22 -22.03 -24.11
N LYS B 46 -6.18 -21.55 -24.90
CA LYS B 46 -7.00 -22.39 -25.75
C LYS B 46 -7.60 -21.51 -26.86
N GLY B 47 -8.10 -22.15 -27.90
CA GLY B 47 -8.77 -21.38 -28.93
C GLY B 47 -9.44 -22.28 -29.94
N HIS B 48 -9.98 -21.64 -30.98
CA HIS B 48 -10.74 -22.36 -31.99
C HIS B 48 -9.83 -22.85 -33.10
N ALA B 49 -10.17 -24.02 -33.63
CA ALA B 49 -9.46 -24.56 -34.78
C ALA B 49 -9.82 -23.78 -36.04
N GLU B 50 -8.81 -23.49 -36.84
CA GLU B 50 -8.97 -22.81 -38.12
C GLU B 50 -8.57 -23.73 -39.26
N GLU B 51 -8.82 -23.27 -40.48
CA GLU B 51 -8.41 -24.00 -41.68
C GLU B 51 -8.91 -25.43 -41.61
N LYS B 52 -8.05 -26.38 -41.95
CA LYS B 52 -8.32 -27.81 -41.77
C LYS B 52 -7.43 -28.37 -40.65
N GLU B 53 -7.30 -27.61 -39.57
CA GLU B 53 -6.30 -27.93 -38.55
C GLU B 53 -6.70 -29.14 -37.74
N GLY B 54 -5.71 -29.96 -37.39
CA GLY B 54 -5.93 -31.01 -36.44
C GLY B 54 -5.90 -30.42 -35.04
N PRO B 55 -6.64 -31.02 -34.10
CA PRO B 55 -6.68 -30.51 -32.72
C PRO B 55 -5.31 -30.13 -32.14
N GLN B 56 -4.28 -30.96 -32.36
CA GLN B 56 -2.95 -30.63 -31.84
C GLN B 56 -2.36 -29.41 -32.55
N GLU B 57 -2.54 -29.32 -33.85
CA GLU B 57 -2.08 -28.14 -34.57
C GLU B 57 -2.79 -26.89 -34.05
N ALA B 58 -4.11 -26.94 -33.89
CA ALA B 58 -4.84 -25.80 -33.33
C ALA B 58 -4.31 -25.44 -31.95
N ALA B 59 -4.07 -26.44 -31.09
CA ALA B 59 -3.62 -26.15 -29.73
C ALA B 59 -2.27 -25.45 -29.74
N GLU B 60 -1.33 -25.95 -30.56
CA GLU B 60 -0.01 -25.33 -30.66
C GLU B 60 -0.09 -23.91 -31.17
N ARG B 61 -0.84 -23.70 -32.26
CA ARG B 61 -0.96 -22.35 -32.83
C ARG B 61 -1.52 -21.37 -31.80
N GLU B 62 -2.65 -21.72 -31.17
CA GLU B 62 -3.25 -20.86 -30.16
C GLU B 62 -2.30 -20.60 -28.99
N LEU B 63 -1.49 -21.58 -28.62
CA LEU B 63 -0.52 -21.37 -27.55
C LEU B 63 0.50 -20.29 -27.93
N VAL B 64 1.10 -20.41 -29.12
CA VAL B 64 2.08 -19.39 -29.55
C VAL B 64 1.39 -18.04 -29.71
N GLU B 65 0.22 -18.02 -30.35
CA GLU B 65 -0.52 -16.77 -30.54
C GLU B 65 -0.78 -16.04 -29.22
N GLU B 66 -1.17 -16.77 -28.17
CA GLU B 66 -1.63 -16.15 -26.93
C GLU B 66 -0.51 -15.88 -25.94
N THR B 67 0.59 -16.64 -26.01
CA THR B 67 1.68 -16.55 -25.04
C THR B 67 3.05 -16.46 -25.67
N GLY B 68 3.18 -16.65 -26.98
CA GLY B 68 4.49 -16.76 -27.59
C GLY B 68 5.31 -17.97 -27.17
N LEU B 69 4.74 -18.90 -26.40
CA LEU B 69 5.50 -20.04 -25.90
C LEU B 69 5.65 -21.11 -26.99
N GLY B 70 6.80 -21.79 -26.97
CA GLY B 70 7.07 -22.86 -27.90
C GLY B 70 6.96 -24.24 -27.28
N ILE B 71 6.71 -25.24 -28.13
CA ILE B 71 6.59 -26.61 -27.66
C ILE B 71 7.95 -27.28 -27.66
N VAL B 72 8.31 -27.86 -26.53
CA VAL B 72 9.47 -28.73 -26.44
C VAL B 72 9.04 -30.15 -26.77
N ASN B 73 8.28 -30.78 -25.86
CA ASN B 73 7.73 -32.12 -26.04
C ASN B 73 6.29 -32.17 -25.58
N PHE B 74 5.48 -32.99 -26.24
CA PHE B 74 4.14 -33.28 -25.77
C PHE B 74 4.15 -34.52 -24.88
N PHE B 75 3.33 -34.52 -23.88
CA PHE B 75 3.11 -35.74 -23.12
C PHE B 75 1.98 -36.57 -23.73
N PRO B 76 2.01 -37.91 -23.59
CA PRO B 76 0.99 -38.76 -24.22
C PRO B 76 -0.32 -38.79 -23.44
N LYS B 77 -0.97 -37.65 -23.35
CA LYS B 77 -2.27 -37.63 -22.69
C LYS B 77 -2.98 -36.35 -23.07
N ILE B 78 -4.31 -36.43 -23.10
CA ILE B 78 -5.14 -35.24 -23.27
C ILE B 78 -6.19 -35.26 -22.18
N PHE B 79 -6.77 -34.10 -21.96
CA PHE B 79 -7.80 -33.92 -20.95
C PHE B 79 -8.92 -33.12 -21.60
N VAL B 80 -10.17 -33.43 -21.23
CA VAL B 80 -11.32 -32.85 -21.90
C VAL B 80 -12.28 -32.32 -20.86
N GLU B 81 -12.79 -31.09 -21.08
CA GLU B 81 -13.85 -30.50 -20.27
C GLU B 81 -15.03 -30.08 -21.13
N ASN B 82 -16.23 -30.19 -20.56
CA ASN B 82 -17.49 -29.83 -21.20
C ASN B 82 -18.26 -28.92 -20.26
N TYR B 83 -18.60 -27.72 -20.70
CA TYR B 83 -19.33 -26.79 -19.86
C TYR B 83 -20.26 -25.94 -20.73
N SER B 84 -21.16 -25.22 -20.06
CA SER B 84 -22.24 -24.48 -20.71
C SER B 84 -22.30 -23.06 -20.18
N PHE B 85 -22.67 -22.13 -21.06
CA PHE B 85 -22.87 -20.75 -20.64
C PHE B 85 -23.82 -20.08 -21.63
N ASN B 86 -24.17 -18.83 -21.33
CA ASN B 86 -25.02 -18.00 -22.18
C ASN B 86 -24.20 -16.85 -22.74
N ASP B 87 -24.03 -16.83 -24.07
CA ASP B 87 -23.19 -15.83 -24.70
C ASP B 87 -23.87 -14.46 -24.68
N LYS B 88 -23.10 -13.44 -25.08
CA LYS B 88 -23.60 -12.07 -25.05
C LYS B 88 -24.91 -11.89 -25.82
N GLU B 89 -25.22 -12.81 -26.74
CA GLU B 89 -26.41 -12.69 -27.57
C GLU B 89 -27.56 -13.56 -27.08
N GLU B 90 -27.43 -14.17 -25.89
CA GLU B 90 -28.50 -14.96 -25.26
C GLU B 90 -28.69 -16.35 -25.88
N ILE B 91 -27.63 -16.90 -26.49
CA ILE B 91 -27.63 -18.28 -26.95
C ILE B 91 -27.03 -19.16 -25.87
N PHE B 92 -27.63 -20.34 -25.67
CA PHE B 92 -27.10 -21.33 -24.74
C PHE B 92 -25.99 -22.08 -25.46
N VAL B 93 -24.75 -21.92 -25.00
CA VAL B 93 -23.60 -22.51 -25.67
C VAL B 93 -23.14 -23.74 -24.90
N ARG B 94 -22.93 -24.84 -25.62
CA ARG B 94 -22.33 -26.04 -25.06
C ARG B 94 -20.91 -26.14 -25.59
N LYS B 95 -19.93 -25.84 -24.75
CA LYS B 95 -18.54 -25.80 -25.18
C LYS B 95 -17.79 -27.05 -24.73
N GLU B 96 -16.88 -27.53 -25.58
CA GLU B 96 -16.00 -28.65 -25.27
C GLU B 96 -14.57 -28.20 -25.56
N VAL B 97 -13.68 -28.39 -24.59
CA VAL B 97 -12.29 -27.95 -24.69
C VAL B 97 -11.39 -29.18 -24.50
N THR B 98 -10.45 -29.36 -25.41
CA THR B 98 -9.47 -30.45 -25.34
C THR B 98 -8.09 -29.87 -25.09
N TYR B 99 -7.47 -30.27 -23.98
CA TYR B 99 -6.15 -29.79 -23.60
C TYR B 99 -5.10 -30.85 -23.84
N PHE B 100 -4.05 -30.48 -24.55
CA PHE B 100 -2.79 -31.20 -24.56
C PHE B 100 -1.94 -30.76 -23.38
N LEU B 101 -0.97 -31.58 -23.02
CA LEU B 101 -0.06 -31.33 -21.91
C LEU B 101 1.34 -31.34 -22.48
N ALA B 102 2.10 -30.25 -22.28
CA ALA B 102 3.38 -30.14 -22.97
C ALA B 102 4.40 -29.37 -22.15
N GLU B 103 5.63 -29.89 -22.13
CA GLU B 103 6.78 -29.09 -21.69
C GLU B 103 7.08 -28.01 -22.74
N VAL B 104 7.25 -26.76 -22.28
CA VAL B 104 7.34 -25.60 -23.17
C VAL B 104 8.65 -24.85 -22.95
N LYS B 105 8.97 -23.98 -23.91
CA LYS B 105 10.14 -23.12 -23.83
C LYS B 105 9.79 -21.74 -24.35
N GLY B 106 10.59 -20.76 -23.93
CA GLY B 106 10.44 -19.39 -24.35
C GLY B 106 10.05 -18.50 -23.18
N GLU B 107 9.96 -17.21 -23.47
CA GLU B 107 9.52 -16.19 -22.51
C GLU B 107 8.09 -15.83 -22.85
N VAL B 108 7.24 -15.76 -21.84
CA VAL B 108 5.85 -15.44 -22.12
C VAL B 108 5.74 -13.99 -22.56
N HIS B 109 5.03 -13.77 -23.67
CA HIS B 109 4.60 -12.47 -24.15
C HIS B 109 3.10 -12.60 -24.45
N ALA B 110 2.25 -12.13 -23.54
CA ALA B 110 0.81 -12.35 -23.66
C ALA B 110 0.16 -11.42 -24.69
N ASP B 111 -0.85 -11.94 -25.39
CA ASP B 111 -1.72 -11.14 -26.26
C ASP B 111 -2.79 -10.45 -25.41
N PRO B 112 -2.66 -9.13 -25.17
CA PRO B 112 -3.58 -8.50 -24.22
C PRO B 112 -5.02 -8.57 -24.62
N ASP B 113 -5.33 -8.80 -25.91
CA ASP B 113 -6.72 -8.95 -26.31
C ASP B 113 -7.35 -10.18 -25.70
N GLU B 114 -6.54 -11.17 -25.30
CA GLU B 114 -7.07 -12.40 -24.72
C GLU B 114 -6.52 -12.74 -23.34
N ILE B 115 -5.29 -12.38 -23.02
CA ILE B 115 -4.64 -12.74 -21.77
C ILE B 115 -4.22 -11.48 -21.02
N CYS B 116 -4.74 -11.28 -19.81
CA CYS B 116 -4.41 -10.08 -19.05
C CYS B 116 -3.51 -10.33 -17.84
N ASP B 117 -3.24 -11.59 -17.50
CA ASP B 117 -2.31 -11.91 -16.43
C ASP B 117 -1.81 -13.34 -16.68
N VAL B 118 -0.61 -13.60 -16.20
CA VAL B 118 0.08 -14.88 -16.39
C VAL B 118 0.75 -15.23 -15.08
N GLN B 119 0.65 -16.48 -14.65
CA GLN B 119 1.33 -16.88 -13.42
C GLN B 119 1.83 -18.31 -13.53
N TRP B 120 3.13 -18.51 -13.32
CA TRP B 120 3.68 -19.87 -13.26
C TRP B 120 3.50 -20.40 -11.84
N LEU B 121 2.80 -21.53 -11.69
CA LEU B 121 2.44 -22.07 -10.39
C LEU B 121 2.43 -23.58 -10.47
N SER B 122 2.72 -24.22 -9.34
CA SER B 122 2.41 -25.65 -9.17
C SER B 122 0.91 -25.87 -9.37
N PHE B 123 0.53 -27.12 -9.66
CA PHE B 123 -0.87 -27.41 -9.90
C PHE B 123 -1.73 -27.08 -8.68
N GLN B 124 -1.22 -27.37 -7.47
CA GLN B 124 -2.04 -27.11 -6.29
C GLN B 124 -2.22 -25.62 -6.06
N GLU B 125 -1.20 -24.80 -6.34
CA GLU B 125 -1.33 -23.36 -6.14
C GLU B 125 -2.23 -22.73 -7.22
N GLY B 126 -2.11 -23.20 -8.46
CA GLY B 126 -2.98 -22.72 -9.52
C GLY B 126 -4.43 -23.12 -9.31
N LEU B 127 -4.66 -24.27 -8.69
CA LEU B 127 -6.01 -24.74 -8.42
C LEU B 127 -6.77 -23.72 -7.58
N ARG B 128 -6.09 -23.08 -6.63
CA ARG B 128 -6.71 -22.07 -5.80
C ARG B 128 -7.30 -20.93 -6.62
N LEU B 129 -6.79 -20.66 -7.82
CA LEU B 129 -7.26 -19.58 -8.66
C LEU B 129 -8.48 -19.96 -9.50
N LEU B 130 -8.90 -21.22 -9.48
CA LEU B 130 -9.94 -21.72 -10.37
C LEU B 130 -11.26 -21.84 -9.63
N ASN B 131 -12.31 -21.20 -10.16
CA ASN B 131 -13.63 -21.27 -9.55
C ASN B 131 -14.58 -22.27 -10.23
N PHE B 132 -14.56 -22.39 -11.55
CA PHE B 132 -15.47 -23.33 -12.23
C PHE B 132 -15.03 -24.77 -11.99
N PRO B 133 -15.98 -25.68 -11.71
CA PRO B 133 -15.57 -27.07 -11.38
C PRO B 133 -14.94 -27.83 -12.52
N GLU B 134 -15.40 -27.66 -13.76
CA GLU B 134 -14.85 -28.46 -14.84
C GLU B 134 -13.33 -28.26 -14.99
N ILE B 135 -12.83 -27.02 -14.92
CA ILE B 135 -11.38 -26.83 -15.04
C ILE B 135 -10.67 -27.28 -13.76
N ARG B 136 -11.37 -27.26 -12.63
CA ARG B 136 -10.80 -27.81 -11.41
C ARG B 136 -10.60 -29.32 -11.56
N ASN B 137 -11.55 -30.01 -12.20
CA ASN B 137 -11.41 -31.44 -12.44
C ASN B 137 -10.21 -31.72 -13.34
N ILE B 138 -9.97 -30.87 -14.32
CA ILE B 138 -8.86 -31.07 -15.25
C ILE B 138 -7.52 -30.94 -14.53
N VAL B 139 -7.37 -29.90 -13.72
CA VAL B 139 -6.12 -29.74 -12.98
C VAL B 139 -5.93 -30.87 -11.99
N THR B 140 -7.00 -31.34 -11.36
CA THR B 140 -6.86 -32.47 -10.44
C THR B 140 -6.35 -33.70 -11.19
N GLU B 141 -6.89 -33.96 -12.38
CA GLU B 141 -6.43 -35.12 -13.17
C GLU B 141 -4.99 -34.95 -13.63
N ALA B 142 -4.62 -33.75 -14.06
CA ALA B 142 -3.29 -33.51 -14.61
C ALA B 142 -2.21 -33.66 -13.53
N ASP B 143 -2.49 -33.17 -12.33
CA ASP B 143 -1.60 -33.34 -11.20
C ASP B 143 -1.34 -34.82 -10.92
N LYS B 144 -2.41 -35.61 -10.86
CA LYS B 144 -2.28 -37.04 -10.60
C LYS B 144 -1.57 -37.75 -11.75
N PHE B 145 -1.85 -37.35 -12.99
CA PHE B 145 -1.17 -38.00 -14.12
C PHE B 145 0.33 -37.71 -14.12
N VAL B 146 0.71 -36.48 -13.77
CA VAL B 146 2.13 -36.15 -13.75
C VAL B 146 2.84 -37.01 -12.71
N GLN B 147 2.25 -37.15 -11.53
CA GLN B 147 2.76 -38.07 -10.52
C GLN B 147 2.94 -39.47 -11.10
N SER B 148 1.85 -40.05 -11.61
CA SER B 148 1.88 -41.43 -12.07
C SER B 148 2.81 -41.63 -13.27
N TYR B 149 2.93 -40.64 -14.13
CA TYR B 149 3.70 -40.82 -15.37
C TYR B 149 5.18 -40.51 -15.18
N LEU B 150 5.52 -39.52 -14.34
CA LEU B 150 6.90 -39.06 -14.20
C LEU B 150 7.53 -39.39 -12.85
N PHE B 151 6.74 -39.62 -11.82
CA PHE B 151 7.29 -39.72 -10.47
C PHE B 151 6.72 -40.92 -9.71
N THR C 7 3.48 35.37 -23.18
CA THR C 7 2.32 36.08 -22.63
C THR C 7 1.35 35.14 -21.90
N LYS C 8 1.44 33.84 -22.18
CA LYS C 8 0.51 32.86 -21.60
C LYS C 8 1.17 31.49 -21.58
N HIS C 9 1.11 30.81 -20.44
CA HIS C 9 1.69 29.48 -20.27
C HIS C 9 0.61 28.42 -20.44
N GLU C 10 0.92 27.38 -21.23
CA GLU C 10 0.03 26.25 -21.45
C GLU C 10 0.72 24.96 -21.00
N TYR C 11 -0.06 24.01 -20.43
CA TYR C 11 0.44 22.71 -19.98
C TYR C 11 -0.40 21.59 -20.57
N SER C 12 0.27 20.52 -20.99
CA SER C 12 -0.40 19.38 -21.61
C SER C 12 0.32 18.11 -21.26
N PHE C 13 -0.38 16.99 -21.51
CA PHE C 13 -0.05 15.67 -20.98
C PHE C 13 -0.50 14.61 -21.97
N GLY C 14 0.39 13.64 -22.22
CA GLY C 14 0.13 12.69 -23.30
C GLY C 14 0.85 11.37 -23.09
N VAL C 15 0.71 10.50 -24.07
CA VAL C 15 1.26 9.16 -24.01
C VAL C 15 1.93 8.85 -25.34
N ILE C 16 3.16 8.37 -25.29
CA ILE C 16 3.81 7.71 -26.42
C ILE C 16 3.32 6.27 -26.41
N PRO C 17 2.38 5.87 -27.28
CA PRO C 17 1.80 4.52 -27.13
C PRO C 17 2.57 3.53 -27.98
N ILE C 18 3.02 2.43 -27.39
CA ILE C 18 3.83 1.48 -28.15
C ILE C 18 3.19 0.10 -28.08
N ARG C 19 3.51 -0.70 -29.08
CA ARG C 19 2.99 -2.05 -29.17
C ARG C 19 3.99 -2.90 -29.93
N PHE C 20 4.03 -4.19 -29.61
CA PHE C 20 4.89 -5.12 -30.32
C PHE C 20 4.01 -5.88 -31.29
N PHE C 21 4.27 -5.72 -32.58
CA PHE C 21 3.53 -6.41 -33.64
C PHE C 21 4.20 -7.74 -33.98
N GLY C 22 4.18 -8.66 -33.02
CA GLY C 22 4.91 -9.92 -33.12
C GLY C 22 5.53 -10.32 -31.79
N THR C 23 6.65 -11.05 -31.82
CA THR C 23 7.35 -11.37 -30.57
C THR C 23 8.24 -10.19 -30.16
N PRO C 24 8.24 -9.79 -28.89
CA PRO C 24 8.87 -8.51 -28.51
C PRO C 24 10.36 -8.45 -28.82
N ASP C 25 10.75 -7.41 -29.57
CA ASP C 25 12.13 -7.04 -29.84
C ASP C 25 12.11 -5.69 -30.55
N ARG C 26 13.31 -5.20 -30.92
CA ARG C 26 13.39 -3.88 -31.54
C ARG C 26 12.79 -3.86 -32.94
N SER C 27 12.83 -4.99 -33.65
CA SER C 27 12.35 -5.06 -35.02
C SER C 27 10.83 -5.17 -35.11
N THR C 28 10.15 -5.30 -33.97
CA THR C 28 8.70 -5.39 -33.96
C THR C 28 8.05 -4.28 -33.13
N LEU C 29 8.85 -3.42 -32.50
CA LEU C 29 8.33 -2.30 -31.72
C LEU C 29 7.78 -1.21 -32.61
N LYS C 30 6.52 -0.84 -32.42
CA LYS C 30 5.95 0.30 -33.11
C LYS C 30 5.31 1.24 -32.11
N ALA C 31 5.26 2.50 -32.48
CA ALA C 31 4.52 3.52 -31.75
C ALA C 31 3.40 4.10 -32.61
N CYS C 32 2.33 4.53 -31.95
CA CYS C 32 1.16 5.10 -32.61
C CYS C 32 1.34 6.61 -32.81
N PHE C 33 1.73 7.01 -34.02
CA PHE C 33 1.81 8.42 -34.39
C PHE C 33 0.47 8.94 -34.88
N ILE C 34 0.25 10.23 -34.61
CA ILE C 34 -1.06 10.86 -34.66
C ILE C 34 -0.92 12.15 -35.48
N CYS C 35 -1.92 12.48 -36.29
CA CYS C 35 -1.94 13.70 -37.08
C CYS C 35 -3.09 14.58 -36.59
N HIS C 36 -2.79 15.85 -36.30
CA HIS C 36 -3.77 16.75 -35.71
C HIS C 36 -4.65 17.39 -36.80
N THR C 37 -5.96 17.32 -36.61
CA THR C 37 -6.89 17.94 -37.56
C THR C 37 -6.63 19.43 -37.70
N ASP C 38 -6.11 20.09 -36.65
CA ASP C 38 -5.82 21.53 -36.66
C ASP C 38 -4.30 21.71 -36.66
N GLY C 39 -3.74 21.86 -37.86
CA GLY C 39 -2.31 22.03 -38.06
C GLY C 39 -1.69 20.95 -38.91
N LYS C 40 -2.29 19.76 -38.92
CA LYS C 40 -1.79 18.60 -39.64
C LYS C 40 -0.30 18.38 -39.36
N HIS C 41 0.15 18.80 -38.17
CA HIS C 41 1.45 18.37 -37.66
C HIS C 41 1.26 17.04 -36.95
N TRP C 42 2.29 16.19 -37.02
CA TRP C 42 2.27 14.87 -36.42
C TRP C 42 2.79 14.92 -34.97
N GLY C 43 2.46 13.87 -34.22
CA GLY C 43 2.94 13.75 -32.86
C GLY C 43 2.33 12.55 -32.16
N PHE C 44 2.21 12.68 -30.84
CA PHE C 44 1.60 11.67 -30.01
C PHE C 44 0.38 12.27 -29.34
N PRO C 45 -0.60 11.45 -28.98
CA PRO C 45 -1.80 11.97 -28.32
C PRO C 45 -1.46 12.72 -27.04
N LYS C 46 -2.11 13.88 -26.85
CA LYS C 46 -1.80 14.74 -25.70
C LYS C 46 -2.93 15.76 -25.55
N GLY C 47 -3.12 16.28 -24.33
CA GLY C 47 -4.10 17.35 -24.16
C GLY C 47 -4.00 17.98 -22.77
N HIS C 48 -4.89 18.93 -22.52
CA HIS C 48 -4.83 19.72 -21.30
C HIS C 48 -5.52 18.99 -20.16
N ALA C 49 -4.98 19.15 -18.95
CA ALA C 49 -5.60 18.59 -17.76
C ALA C 49 -6.95 19.26 -17.51
N GLU C 50 -7.88 18.51 -16.94
CA GLU C 50 -9.21 19.01 -16.59
C GLU C 50 -9.50 18.74 -15.12
N GLU C 51 -10.19 19.70 -14.48
CA GLU C 51 -10.67 19.54 -13.09
C GLU C 51 -9.47 19.40 -12.16
N LYS C 52 -9.44 18.42 -11.26
CA LYS C 52 -8.34 18.20 -10.34
C LYS C 52 -7.44 17.05 -10.80
N GLU C 53 -7.22 16.94 -12.11
CA GLU C 53 -6.46 15.84 -12.67
C GLU C 53 -4.98 16.03 -12.42
N GLY C 54 -4.32 14.94 -12.06
CA GLY C 54 -2.87 14.89 -12.11
C GLY C 54 -2.38 14.64 -13.52
N PRO C 55 -1.10 14.94 -13.77
CA PRO C 55 -0.52 14.68 -15.10
C PRO C 55 -0.86 13.33 -15.72
N GLN C 56 -0.80 12.25 -14.95
CA GLN C 56 -1.02 10.93 -15.55
C GLN C 56 -2.50 10.66 -15.86
N GLU C 57 -3.41 11.16 -15.03
CA GLU C 57 -4.84 11.05 -15.32
C GLU C 57 -5.22 11.81 -16.59
N ALA C 58 -4.68 13.02 -16.79
CA ALA C 58 -4.92 13.75 -18.04
C ALA C 58 -4.33 13.01 -19.24
N ALA C 59 -3.12 12.46 -19.08
CA ALA C 59 -2.49 11.71 -20.17
C ALA C 59 -3.33 10.49 -20.56
N GLU C 60 -3.78 9.70 -19.58
CA GLU C 60 -4.61 8.52 -19.89
C GLU C 60 -5.93 8.92 -20.54
N ARG C 61 -6.58 9.97 -20.01
CA ARG C 61 -7.88 10.40 -20.53
C ARG C 61 -7.76 10.88 -21.98
N GLU C 62 -6.74 11.70 -22.27
CA GLU C 62 -6.54 12.18 -23.63
C GLU C 62 -6.15 11.05 -24.57
N LEU C 63 -5.40 10.08 -24.09
CA LEU C 63 -5.12 8.93 -24.93
C LEU C 63 -6.42 8.20 -25.30
N VAL C 64 -7.30 7.97 -24.33
CA VAL C 64 -8.55 7.25 -24.63
C VAL C 64 -9.47 8.12 -25.50
N GLU C 65 -9.59 9.41 -25.18
CA GLU C 65 -10.45 10.29 -25.98
C GLU C 65 -10.00 10.30 -27.44
N GLU C 66 -8.69 10.41 -27.68
CA GLU C 66 -8.18 10.72 -29.00
C GLU C 66 -7.94 9.49 -29.87
N THR C 67 -7.72 8.31 -29.27
CA THR C 67 -7.38 7.12 -30.03
C THR C 67 -8.13 5.86 -29.64
N GLY C 68 -8.91 5.85 -28.55
CA GLY C 68 -9.53 4.64 -28.08
C GLY C 68 -8.62 3.62 -27.39
N LEU C 69 -7.32 3.87 -27.29
CA LEU C 69 -6.39 2.89 -26.74
C LEU C 69 -6.37 2.90 -25.22
N GLY C 70 -6.17 1.70 -24.65
CA GLY C 70 -6.00 1.54 -23.21
C GLY C 70 -4.59 1.12 -22.84
N ILE C 71 -4.18 1.39 -21.61
CA ILE C 71 -2.81 1.12 -21.17
C ILE C 71 -2.69 -0.31 -20.69
N VAL C 72 -1.66 -1.03 -21.16
CA VAL C 72 -1.31 -2.32 -20.59
C VAL C 72 -0.27 -2.15 -19.49
N ASN C 73 0.82 -1.45 -19.79
CA ASN C 73 1.91 -1.25 -18.82
C ASN C 73 2.51 0.11 -19.05
N PHE C 74 2.84 0.79 -17.95
CA PHE C 74 3.64 2.01 -18.02
C PHE C 74 5.12 1.70 -17.96
N PHE C 75 5.89 2.41 -18.76
CA PHE C 75 7.31 2.41 -18.47
C PHE C 75 7.61 3.47 -17.43
N PRO C 76 8.70 3.31 -16.62
CA PRO C 76 8.98 4.24 -15.52
C PRO C 76 9.80 5.47 -15.93
N LYS C 77 9.33 6.20 -16.95
CA LYS C 77 10.03 7.37 -17.43
C LYS C 77 9.03 8.30 -18.11
N ILE C 78 9.26 9.61 -17.96
CA ILE C 78 8.47 10.61 -18.66
C ILE C 78 9.42 11.37 -19.57
N PHE C 79 8.85 12.07 -20.53
CA PHE C 79 9.62 12.89 -21.47
C PHE C 79 8.95 14.25 -21.53
N VAL C 80 9.75 15.32 -21.58
CA VAL C 80 9.23 16.68 -21.46
C VAL C 80 9.73 17.50 -22.65
N GLU C 81 8.80 18.19 -23.33
CA GLU C 81 9.15 19.17 -24.35
C GLU C 81 8.58 20.52 -23.98
N ASN C 82 9.30 21.56 -24.38
CA ASN C 82 8.92 22.96 -24.19
C ASN C 82 8.99 23.65 -25.53
N TYR C 83 7.92 24.34 -25.93
CA TYR C 83 8.02 25.12 -27.19
C TYR C 83 7.09 26.33 -27.10
N SER C 84 7.19 27.19 -28.12
CA SER C 84 6.43 28.43 -28.17
C SER C 84 5.85 28.64 -29.56
N PHE C 85 4.71 29.31 -29.62
CA PHE C 85 4.00 29.55 -30.88
C PHE C 85 3.03 30.69 -30.68
N ASN C 86 2.58 31.26 -31.79
CA ASN C 86 1.49 32.24 -31.82
C ASN C 86 0.19 31.52 -32.17
N ASP C 87 -0.86 31.75 -31.39
CA ASP C 87 -2.09 30.99 -31.50
C ASP C 87 -3.07 31.72 -32.43
N LYS C 88 -4.29 31.16 -32.55
CA LYS C 88 -5.30 31.70 -33.45
C LYS C 88 -5.56 33.19 -33.22
N GLU C 89 -5.62 33.61 -31.95
CA GLU C 89 -5.84 35.01 -31.61
C GLU C 89 -4.53 35.81 -31.51
N GLU C 90 -3.45 35.32 -32.11
CA GLU C 90 -2.15 36.02 -32.13
C GLU C 90 -1.64 36.33 -30.71
N ILE C 91 -1.89 35.44 -29.77
CA ILE C 91 -1.26 35.49 -28.46
C ILE C 91 -0.04 34.59 -28.47
N PHE C 92 1.05 35.05 -27.86
CA PHE C 92 2.26 34.26 -27.76
C PHE C 92 2.13 33.28 -26.59
N VAL C 93 2.26 31.99 -26.87
CA VAL C 93 2.05 30.92 -25.89
C VAL C 93 3.36 30.18 -25.64
N ARG C 94 3.73 30.04 -24.38
CA ARG C 94 4.78 29.11 -23.94
C ARG C 94 4.11 27.82 -23.48
N LYS C 95 4.45 26.71 -24.10
CA LYS C 95 3.74 25.45 -23.90
C LYS C 95 4.73 24.38 -23.50
N GLU C 96 4.29 23.53 -22.57
CA GLU C 96 5.09 22.42 -22.03
C GLU C 96 4.24 21.16 -22.15
N VAL C 97 4.79 20.11 -22.74
CA VAL C 97 4.10 18.83 -22.84
C VAL C 97 4.93 17.75 -22.13
N THR C 98 4.24 16.92 -21.33
CA THR C 98 4.84 15.80 -20.61
C THR C 98 4.25 14.49 -21.15
N TYR C 99 5.12 13.61 -21.65
CA TYR C 99 4.70 12.33 -22.23
C TYR C 99 5.06 11.19 -21.28
N PHE C 100 4.07 10.37 -20.98
CA PHE C 100 4.28 9.06 -20.42
C PHE C 100 4.58 8.10 -21.57
N LEU C 101 5.14 6.95 -21.23
CA LEU C 101 5.50 5.96 -22.24
C LEU C 101 4.84 4.66 -21.82
N ALA C 102 4.02 4.07 -22.70
CA ALA C 102 3.21 2.94 -22.28
C ALA C 102 2.96 1.95 -23.42
N GLU C 103 3.01 0.66 -23.09
CA GLU C 103 2.49 -0.36 -23.96
C GLU C 103 0.98 -0.30 -23.89
N VAL C 104 0.33 -0.36 -25.06
CA VAL C 104 -1.11 -0.17 -25.17
C VAL C 104 -1.76 -1.33 -25.93
N LYS C 105 -3.07 -1.45 -25.75
CA LYS C 105 -3.88 -2.47 -26.39
C LYS C 105 -5.09 -1.81 -27.03
N GLY C 106 -5.79 -2.57 -27.86
CA GLY C 106 -7.02 -2.11 -28.46
C GLY C 106 -6.82 -1.61 -29.88
N GLU C 107 -7.93 -1.51 -30.62
CA GLU C 107 -7.91 -0.99 -31.98
C GLU C 107 -8.14 0.52 -31.99
N VAL C 108 -7.35 1.21 -32.79
CA VAL C 108 -7.44 2.67 -32.85
C VAL C 108 -8.84 3.10 -33.26
N HIS C 109 -9.44 3.99 -32.46
CA HIS C 109 -10.70 4.66 -32.75
C HIS C 109 -10.47 6.17 -32.61
N ALA C 110 -10.14 6.82 -33.73
CA ALA C 110 -9.67 8.19 -33.71
C ALA C 110 -10.80 9.18 -33.47
N ASP C 111 -10.48 10.27 -32.78
CA ASP C 111 -11.37 11.43 -32.75
C ASP C 111 -11.15 12.24 -34.02
N PRO C 112 -12.17 12.43 -34.87
CA PRO C 112 -11.95 13.22 -36.09
C PRO C 112 -11.79 14.70 -35.82
N ASP C 113 -12.49 15.22 -34.80
CA ASP C 113 -12.41 16.64 -34.46
C ASP C 113 -10.98 17.07 -34.18
N GLU C 114 -10.15 16.17 -33.66
CA GLU C 114 -8.78 16.48 -33.30
CA GLU C 114 -8.79 16.50 -33.29
C GLU C 114 -7.73 15.70 -34.04
N ILE C 115 -8.05 14.49 -34.52
CA ILE C 115 -7.08 13.62 -35.17
C ILE C 115 -7.57 13.29 -36.57
N CYS C 116 -6.65 13.34 -37.55
CA CYS C 116 -7.00 13.18 -38.95
C CYS C 116 -6.17 12.12 -39.65
N ASP C 117 -5.20 11.50 -38.98
CA ASP C 117 -4.58 10.28 -39.49
C ASP C 117 -3.90 9.56 -38.34
N VAL C 118 -3.60 8.29 -38.57
CA VAL C 118 -2.91 7.44 -37.61
C VAL C 118 -1.94 6.53 -38.36
N GLN C 119 -0.82 6.21 -37.71
CA GLN C 119 0.15 5.30 -38.31
C GLN C 119 0.95 4.64 -37.21
N TRP C 120 0.85 3.30 -37.10
CA TRP C 120 1.76 2.51 -36.29
C TRP C 120 3.08 2.38 -37.05
N LEU C 121 4.14 3.00 -36.51
CA LEU C 121 5.44 3.02 -37.17
C LEU C 121 6.53 2.79 -36.14
N SER C 122 7.65 2.23 -36.60
CA SER C 122 8.86 2.25 -35.79
C SER C 122 9.19 3.69 -35.43
N PHE C 123 9.99 3.85 -34.38
CA PHE C 123 10.41 5.20 -34.01
C PHE C 123 11.14 5.86 -35.18
N GLN C 124 12.06 5.12 -35.81
CA GLN C 124 12.83 5.68 -36.92
C GLN C 124 11.92 6.12 -38.06
N GLU C 125 11.02 5.24 -38.50
CA GLU C 125 10.15 5.59 -39.63
C GLU C 125 9.28 6.79 -39.28
N GLY C 126 8.81 6.88 -38.04
CA GLY C 126 7.92 7.96 -37.66
C GLY C 126 8.61 9.30 -37.49
N LEU C 127 9.93 9.30 -37.29
CA LEU C 127 10.67 10.56 -37.24
C LEU C 127 10.39 11.41 -38.47
N ARG C 128 10.40 10.78 -39.64
CA ARG C 128 10.28 11.49 -40.91
C ARG C 128 9.05 12.39 -40.93
N LEU C 129 8.00 12.03 -40.21
CA LEU C 129 6.79 12.82 -40.19
C LEU C 129 6.91 14.10 -39.37
N LEU C 130 8.02 14.29 -38.64
CA LEU C 130 8.13 15.33 -37.63
C LEU C 130 9.07 16.44 -38.11
N ASN C 131 8.65 17.69 -37.89
CA ASN C 131 9.35 18.85 -38.42
C ASN C 131 9.80 19.82 -37.33
N PHE C 132 9.64 19.47 -36.07
CA PHE C 132 10.07 20.29 -34.95
C PHE C 132 11.16 19.58 -34.16
N PRO C 133 12.23 20.28 -33.77
CA PRO C 133 13.35 19.57 -33.11
C PRO C 133 13.02 19.07 -31.72
N GLU C 134 12.06 19.69 -31.03
CA GLU C 134 11.71 19.26 -29.69
C GLU C 134 11.09 17.87 -29.70
N ILE C 135 10.00 17.70 -30.47
CA ILE C 135 9.36 16.39 -30.55
C ILE C 135 10.32 15.36 -31.14
N ARG C 136 11.24 15.78 -32.02
CA ARG C 136 12.17 14.81 -32.61
C ARG C 136 13.15 14.28 -31.58
N ASN C 137 13.48 15.08 -30.57
CA ASN C 137 14.35 14.57 -29.50
C ASN C 137 13.60 13.62 -28.58
N ILE C 138 12.33 13.93 -28.25
CA ILE C 138 11.51 12.98 -27.47
C ILE C 138 11.63 11.58 -28.07
N VAL C 139 11.31 11.48 -29.36
CA VAL C 139 11.33 10.21 -30.07
C VAL C 139 12.69 9.54 -29.95
N THR C 140 13.78 10.33 -30.07
CA THR C 140 15.12 9.77 -29.93
C THR C 140 15.36 9.28 -28.51
N GLU C 141 15.04 10.11 -27.51
CA GLU C 141 15.17 9.68 -26.12
C GLU C 141 14.33 8.45 -25.82
N ALA C 142 13.11 8.36 -26.39
CA ALA C 142 12.23 7.25 -26.07
C ALA C 142 12.74 5.96 -26.70
N ASP C 143 13.25 6.03 -27.94
CA ASP C 143 13.89 4.86 -28.54
C ASP C 143 15.07 4.39 -27.70
N LYS C 144 15.96 5.33 -27.34
CA LYS C 144 17.10 4.98 -26.49
C LYS C 144 16.64 4.24 -25.25
N PHE C 145 15.61 4.76 -24.58
CA PHE C 145 15.17 4.19 -23.32
C PHE C 145 14.54 2.82 -23.51
N VAL C 146 13.76 2.62 -24.58
CA VAL C 146 13.13 1.31 -24.76
C VAL C 146 14.20 0.28 -25.08
N GLN C 147 15.26 0.68 -25.77
CA GLN C 147 16.36 -0.23 -26.06
C GLN C 147 17.04 -0.69 -24.78
N SER C 148 17.48 0.26 -23.96
CA SER C 148 18.15 -0.09 -22.71
C SER C 148 17.22 -0.84 -21.77
N TYR C 149 16.05 -0.25 -21.48
CA TYR C 149 15.17 -0.81 -20.46
C TYR C 149 14.75 -2.24 -20.79
N LEU C 150 14.50 -2.54 -22.07
CA LEU C 150 13.95 -3.83 -22.45
C LEU C 150 14.93 -4.78 -23.12
N PHE C 151 16.00 -4.28 -23.74
CA PHE C 151 16.81 -5.09 -24.66
C PHE C 151 18.31 -5.08 -24.36
N THR D 7 -41.14 15.70 -0.80
CA THR D 7 -40.19 14.88 -0.05
C THR D 7 -38.78 14.95 -0.65
N LYS D 8 -37.82 15.30 0.20
CA LYS D 8 -36.43 15.50 -0.21
C LYS D 8 -35.53 14.69 0.72
N HIS D 9 -34.43 14.19 0.18
CA HIS D 9 -33.47 13.41 0.96
C HIS D 9 -32.23 14.26 1.23
N GLU D 10 -31.81 14.27 2.50
CA GLU D 10 -30.61 14.98 2.92
C GLU D 10 -29.63 13.98 3.52
N TYR D 11 -28.33 14.18 3.26
CA TYR D 11 -27.24 13.34 3.77
C TYR D 11 -26.20 14.18 4.50
N SER D 12 -25.78 13.72 5.68
CA SER D 12 -24.76 14.45 6.43
C SER D 12 -23.78 13.48 7.05
N PHE D 13 -22.63 14.03 7.45
CA PHE D 13 -21.49 13.25 7.87
C PHE D 13 -20.82 13.97 9.04
N GLY D 14 -20.46 13.19 10.07
CA GLY D 14 -19.97 13.80 11.29
C GLY D 14 -18.98 12.94 12.02
N VAL D 15 -18.53 13.44 13.17
CA VAL D 15 -17.55 12.73 14.00
C VAL D 15 -18.01 12.76 15.45
N ILE D 16 -17.99 11.59 16.09
CA ILE D 16 -18.06 11.47 17.55
C ILE D 16 -16.64 11.65 18.06
N PRO D 17 -16.27 12.82 18.57
CA PRO D 17 -14.86 13.03 18.90
C PRO D 17 -14.60 12.66 20.36
N ILE D 18 -13.56 11.86 20.63
CA ILE D 18 -13.33 11.38 21.99
C ILE D 18 -11.89 11.67 22.36
N ARG D 19 -11.63 11.68 23.67
CA ARG D 19 -10.30 12.02 24.16
C ARG D 19 -10.14 11.49 25.58
N PHE D 20 -8.95 10.99 25.91
CA PHE D 20 -8.67 10.53 27.26
C PHE D 20 -8.10 11.69 28.08
N PHE D 21 -8.80 12.05 29.16
CA PHE D 21 -8.33 13.08 30.09
C PHE D 21 -7.57 12.41 31.25
N GLY D 22 -6.43 11.81 30.89
CA GLY D 22 -5.62 11.03 31.81
C GLY D 22 -5.20 9.72 31.18
N THR D 23 -4.76 8.80 32.03
CA THR D 23 -4.29 7.49 31.54
C THR D 23 -5.48 6.65 31.08
N PRO D 24 -5.49 6.16 29.83
CA PRO D 24 -6.71 5.54 29.27
C PRO D 24 -7.31 4.43 30.11
N ASP D 25 -8.62 4.54 30.34
CA ASP D 25 -9.49 3.50 30.87
C ASP D 25 -10.92 4.05 30.88
N ARG D 26 -11.89 3.26 31.33
CA ARG D 26 -13.29 3.68 31.24
C ARG D 26 -13.61 4.89 32.10
N SER D 27 -12.68 5.37 32.93
CA SER D 27 -12.93 6.49 33.83
C SER D 27 -12.36 7.81 33.31
N THR D 28 -11.63 7.79 32.21
CA THR D 28 -11.01 8.98 31.65
C THR D 28 -11.46 9.30 30.24
N LEU D 29 -12.18 8.41 29.59
CA LEU D 29 -12.67 8.62 28.23
C LEU D 29 -13.83 9.61 28.23
N LYS D 30 -13.71 10.69 27.48
CA LYS D 30 -14.83 11.60 27.32
C LYS D 30 -15.04 11.91 25.85
N ALA D 31 -16.25 12.34 25.54
CA ALA D 31 -16.63 12.73 24.19
C ALA D 31 -17.07 14.18 24.21
N CYS D 32 -16.91 14.81 23.05
CA CYS D 32 -17.25 16.23 22.88
C CYS D 32 -18.70 16.37 22.44
N PHE D 33 -19.59 16.62 23.40
CA PHE D 33 -20.98 16.89 23.10
C PHE D 33 -21.16 18.35 22.78
N ILE D 34 -21.87 18.63 21.69
CA ILE D 34 -22.08 19.99 21.25
C ILE D 34 -23.57 20.28 21.21
N CYS D 35 -23.92 21.55 21.42
CA CYS D 35 -25.29 22.04 21.40
C CYS D 35 -25.50 22.81 20.10
N HIS D 36 -26.53 22.45 19.33
CA HIS D 36 -26.76 23.07 18.03
C HIS D 36 -27.48 24.42 18.20
N THR D 37 -26.91 25.46 17.61
CA THR D 37 -27.55 26.78 17.66
C THR D 37 -28.99 26.72 17.14
N ASP D 38 -29.20 26.00 16.05
CA ASP D 38 -30.51 25.92 15.42
C ASP D 38 -31.22 24.70 15.99
N GLY D 39 -31.99 24.92 17.07
CA GLY D 39 -32.77 23.88 17.71
C GLY D 39 -32.42 23.65 19.18
N LYS D 40 -31.18 23.95 19.55
CA LYS D 40 -30.65 23.75 20.89
C LYS D 40 -30.66 22.29 21.34
N HIS D 41 -30.77 21.35 20.38
CA HIS D 41 -30.61 19.95 20.71
C HIS D 41 -29.13 19.58 20.77
N TRP D 42 -28.81 18.57 21.59
CA TRP D 42 -27.42 18.17 21.78
C TRP D 42 -27.08 17.00 20.85
N GLY D 43 -25.84 16.99 20.40
CA GLY D 43 -25.38 15.93 19.53
C GLY D 43 -23.89 16.04 19.26
N PHE D 44 -23.48 15.73 18.04
CA PHE D 44 -22.07 15.76 17.68
C PHE D 44 -21.90 16.56 16.39
N PRO D 45 -20.69 17.02 16.11
CA PRO D 45 -20.46 17.80 14.89
C PRO D 45 -20.76 17.01 13.63
N LYS D 46 -21.50 17.62 12.71
CA LYS D 46 -21.90 16.94 11.48
C LYS D 46 -22.19 18.01 10.45
N GLY D 47 -22.10 17.64 9.17
CA GLY D 47 -22.53 18.57 8.14
C GLY D 47 -22.55 17.93 6.77
N HIS D 48 -22.85 18.75 5.76
CA HIS D 48 -23.08 18.24 4.41
C HIS D 48 -21.79 18.07 3.62
N ALA D 49 -21.77 17.08 2.73
CA ALA D 49 -20.60 16.89 1.87
C ALA D 49 -20.53 18.01 0.84
N GLU D 50 -19.30 18.32 0.41
CA GLU D 50 -19.08 19.30 -0.63
C GLU D 50 -18.30 18.68 -1.78
N GLU D 51 -18.41 19.32 -2.95
CA GLU D 51 -17.64 18.96 -4.14
C GLU D 51 -17.69 17.46 -4.38
N LYS D 52 -16.51 16.83 -4.46
CA LYS D 52 -16.40 15.40 -4.67
C LYS D 52 -16.18 14.62 -3.38
N GLU D 53 -16.35 15.25 -2.22
CA GLU D 53 -16.03 14.59 -0.95
C GLU D 53 -16.79 13.27 -0.80
N GLY D 54 -16.11 12.27 -0.27
CA GLY D 54 -16.76 11.11 0.26
C GLY D 54 -17.17 11.34 1.70
N PRO D 55 -17.90 10.37 2.26
CA PRO D 55 -18.35 10.50 3.66
C PRO D 55 -17.26 10.88 4.67
N GLN D 56 -16.08 10.27 4.62
CA GLN D 56 -15.07 10.53 5.65
C GLN D 56 -14.47 11.91 5.50
N GLU D 57 -14.30 12.34 4.25
CA GLU D 57 -13.76 13.66 3.97
C GLU D 57 -14.72 14.74 4.45
N ALA D 58 -16.02 14.58 4.17
CA ALA D 58 -16.98 15.56 4.64
C ALA D 58 -16.99 15.63 6.16
N ALA D 59 -16.92 14.48 6.84
CA ALA D 59 -16.97 14.45 8.31
C ALA D 59 -15.76 15.15 8.91
N GLU D 60 -14.58 14.87 8.36
CA GLU D 60 -13.37 15.45 8.93
C GLU D 60 -13.36 16.97 8.77
N ARG D 61 -13.81 17.47 7.62
CA ARG D 61 -13.88 18.92 7.38
C ARG D 61 -14.88 19.58 8.32
N GLU D 62 -16.08 19.01 8.43
CA GLU D 62 -17.07 19.60 9.31
C GLU D 62 -16.58 19.64 10.76
N LEU D 63 -15.91 18.58 11.22
CA LEU D 63 -15.34 18.57 12.57
C LEU D 63 -14.39 19.73 12.78
N VAL D 64 -13.44 19.90 11.87
CA VAL D 64 -12.47 21.00 11.98
C VAL D 64 -13.19 22.35 11.93
N GLU D 65 -14.09 22.53 10.95
CA GLU D 65 -14.80 23.79 10.78
C GLU D 65 -15.59 24.17 12.02
N GLU D 66 -16.28 23.19 12.60
CA GLU D 66 -17.20 23.48 13.69
C GLU D 66 -16.50 23.55 15.05
N THR D 67 -15.33 22.89 15.21
CA THR D 67 -14.69 22.75 16.52
C THR D 67 -13.19 23.02 16.53
N GLY D 68 -12.51 23.04 15.38
CA GLY D 68 -11.06 23.12 15.34
C GLY D 68 -10.30 21.86 15.72
N LEU D 69 -10.98 20.76 16.07
CA LEU D 69 -10.29 19.56 16.50
C LEU D 69 -9.70 18.80 15.32
N GLY D 70 -8.57 18.14 15.57
CA GLY D 70 -7.92 17.28 14.59
C GLY D 70 -8.03 15.81 14.94
N ILE D 71 -8.02 14.96 13.92
CA ILE D 71 -8.13 13.51 14.13
C ILE D 71 -6.75 12.91 14.41
N VAL D 72 -6.67 12.14 15.51
CA VAL D 72 -5.49 11.35 15.84
C VAL D 72 -5.60 9.94 15.31
N ASN D 73 -6.74 9.29 15.55
CA ASN D 73 -6.95 7.89 15.22
C ASN D 73 -8.42 7.64 15.00
N PHE D 74 -8.74 6.88 13.95
CA PHE D 74 -10.10 6.44 13.69
C PHE D 74 -10.35 5.11 14.37
N PHE D 75 -11.49 4.99 15.00
CA PHE D 75 -11.92 3.65 15.35
C PHE D 75 -12.62 3.01 14.15
N PRO D 76 -12.54 1.63 14.00
CA PRO D 76 -13.10 0.96 12.80
C PRO D 76 -14.60 0.67 12.93
N LYS D 77 -15.40 1.73 13.10
CA LYS D 77 -16.84 1.60 13.14
C LYS D 77 -17.48 2.93 12.79
N ILE D 78 -18.61 2.89 12.06
CA ILE D 78 -19.44 4.07 11.84
C ILE D 78 -20.81 3.82 12.47
N PHE D 79 -21.57 4.91 12.60
CA PHE D 79 -22.89 4.89 13.23
C PHE D 79 -23.84 5.71 12.36
N VAL D 80 -25.05 5.21 12.12
CA VAL D 80 -26.00 5.89 11.23
C VAL D 80 -27.25 6.22 12.00
N GLU D 81 -27.81 7.42 11.75
CA GLU D 81 -29.15 7.74 12.22
C GLU D 81 -29.99 8.28 11.08
N ASN D 82 -31.29 7.97 11.15
CA ASN D 82 -32.30 8.39 10.18
C ASN D 82 -33.42 9.10 10.92
N TYR D 83 -33.82 10.28 10.44
CA TYR D 83 -34.98 10.96 10.99
C TYR D 83 -35.59 11.87 9.93
N SER D 84 -36.80 12.34 10.19
CA SER D 84 -37.48 13.26 9.28
C SER D 84 -37.94 14.51 10.04
N PHE D 85 -38.10 15.60 9.29
CA PHE D 85 -38.52 16.88 9.86
C PHE D 85 -39.00 17.80 8.75
N ASN D 86 -39.73 18.84 9.14
CA ASN D 86 -40.11 19.93 8.24
C ASN D 86 -39.11 21.07 8.38
N ASP D 87 -38.50 21.47 7.25
CA ASP D 87 -37.44 22.46 7.31
C ASP D 87 -38.05 23.86 7.41
N LYS D 88 -37.22 24.88 7.22
CA LYS D 88 -37.69 26.26 7.28
C LYS D 88 -38.68 26.56 6.16
N GLU D 89 -38.44 26.00 4.97
CA GLU D 89 -39.34 26.22 3.84
C GLU D 89 -40.56 25.31 3.88
N GLU D 90 -40.84 24.64 5.01
CA GLU D 90 -42.00 23.78 5.16
C GLU D 90 -41.93 22.55 4.25
N ILE D 91 -40.73 22.10 3.94
CA ILE D 91 -40.51 20.92 3.11
C ILE D 91 -40.20 19.71 4.00
N PHE D 92 -40.81 18.58 3.70
CA PHE D 92 -40.57 17.35 4.45
C PHE D 92 -39.24 16.73 4.02
N VAL D 93 -38.30 16.62 4.96
CA VAL D 93 -36.93 16.17 4.71
C VAL D 93 -36.74 14.81 5.41
N ARG D 94 -36.26 13.81 4.66
CA ARG D 94 -35.78 12.55 5.21
C ARG D 94 -34.26 12.66 5.26
N LYS D 95 -33.71 12.76 6.47
CA LYS D 95 -32.29 13.00 6.62
C LYS D 95 -31.59 11.76 7.17
N GLU D 96 -30.37 11.51 6.68
CA GLU D 96 -29.52 10.44 7.19
C GLU D 96 -28.17 11.01 7.57
N VAL D 97 -27.69 10.66 8.76
CA VAL D 97 -26.40 11.12 9.25
C VAL D 97 -25.51 9.91 9.52
N THR D 98 -24.29 9.94 9.01
CA THR D 98 -23.29 8.90 9.23
C THR D 98 -22.17 9.48 10.09
N TYR D 99 -21.96 8.92 11.28
CA TYR D 99 -20.89 9.37 12.18
C TYR D 99 -19.69 8.42 12.17
N PHE D 100 -18.50 9.01 12.09
CA PHE D 100 -17.25 8.33 12.39
C PHE D 100 -16.92 8.51 13.88
N LEU D 101 -16.07 7.64 14.38
CA LEU D 101 -15.66 7.67 15.79
C LEU D 101 -14.15 7.80 15.82
N ALA D 102 -13.65 8.86 16.45
CA ALA D 102 -12.22 9.11 16.37
C ALA D 102 -11.69 9.78 17.62
N GLU D 103 -10.50 9.36 18.01
CA GLU D 103 -9.71 10.10 18.99
C GLU D 103 -9.20 11.39 18.36
N VAL D 104 -9.34 12.50 19.08
CA VAL D 104 -9.02 13.83 18.55
C VAL D 104 -8.06 14.57 19.49
N LYS D 105 -7.43 15.63 18.97
CA LYS D 105 -6.52 16.49 19.72
C LYS D 105 -6.77 17.95 19.36
N GLY D 106 -6.09 18.86 20.05
CA GLY D 106 -6.25 20.28 19.86
C GLY D 106 -7.24 20.87 20.85
N GLU D 107 -7.33 22.20 20.84
CA GLU D 107 -8.27 22.93 21.69
C GLU D 107 -9.55 23.27 20.93
N VAL D 108 -10.69 23.08 21.58
CA VAL D 108 -11.97 23.36 20.94
C VAL D 108 -12.13 24.85 20.73
N HIS D 109 -12.53 25.22 19.52
CA HIS D 109 -12.99 26.59 19.25
C HIS D 109 -14.23 26.51 18.37
N ALA D 110 -15.39 26.72 18.98
CA ALA D 110 -16.67 26.45 18.35
C ALA D 110 -17.11 27.57 17.42
N ASP D 111 -17.59 27.20 16.24
CA ASP D 111 -18.25 28.18 15.39
C ASP D 111 -19.59 28.55 16.00
N PRO D 112 -19.76 29.77 16.52
CA PRO D 112 -21.01 30.10 17.22
C PRO D 112 -22.26 30.02 16.34
N ASP D 113 -22.12 30.14 15.01
CA ASP D 113 -23.30 30.04 14.14
C ASP D 113 -23.92 28.65 14.20
N GLU D 114 -23.12 27.62 14.46
CA GLU D 114 -23.63 26.26 14.52
C GLU D 114 -23.63 25.67 15.92
N ILE D 115 -22.67 26.04 16.76
CA ILE D 115 -22.48 25.40 18.05
C ILE D 115 -22.55 26.47 19.12
N CYS D 116 -23.53 26.40 20.02
CA CYS D 116 -23.70 27.40 21.07
C CYS D 116 -23.23 26.92 22.44
N ASP D 117 -22.83 25.65 22.57
CA ASP D 117 -22.26 25.15 23.81
C ASP D 117 -21.55 23.83 23.54
N VAL D 118 -20.63 23.50 24.43
CA VAL D 118 -19.75 22.33 24.32
C VAL D 118 -19.59 21.76 25.72
N GLN D 119 -19.51 20.43 25.80
CA GLN D 119 -19.32 19.75 27.09
C GLN D 119 -18.57 18.45 26.83
N TRP D 120 -17.34 18.34 27.33
CA TRP D 120 -16.67 17.04 27.31
C TRP D 120 -17.25 16.18 28.45
N LEU D 121 -17.87 15.06 28.09
CA LEU D 121 -18.55 14.21 29.05
C LEU D 121 -18.34 12.76 28.65
N SER D 122 -18.36 11.88 29.65
CA SER D 122 -18.48 10.45 29.39
C SER D 122 -19.77 10.20 28.62
N PHE D 123 -19.79 9.10 27.86
CA PHE D 123 -20.99 8.82 27.08
C PHE D 123 -22.20 8.74 28.00
N GLN D 124 -22.04 8.11 29.17
CA GLN D 124 -23.15 7.99 30.11
C GLN D 124 -23.66 9.35 30.55
N GLU D 125 -22.74 10.24 30.91
CA GLU D 125 -23.16 11.57 31.38
C GLU D 125 -23.77 12.39 30.25
N GLY D 126 -23.24 12.29 29.04
CA GLY D 126 -23.82 13.04 27.93
C GLY D 126 -25.17 12.52 27.50
N LEU D 127 -25.46 11.25 27.79
CA LEU D 127 -26.74 10.65 27.41
C LEU D 127 -27.91 11.43 27.97
N ARG D 128 -27.73 12.02 29.15
CA ARG D 128 -28.82 12.73 29.79
C ARG D 128 -29.23 13.97 29.01
N LEU D 129 -28.34 14.52 28.17
CA LEU D 129 -28.67 15.70 27.38
C LEU D 129 -29.53 15.38 26.17
N LEU D 130 -29.63 14.11 25.79
CA LEU D 130 -30.20 13.73 24.50
C LEU D 130 -31.66 13.32 24.67
N ASN D 131 -32.50 13.77 23.73
CA ASN D 131 -33.95 13.57 23.80
C ASN D 131 -34.52 12.76 22.63
N PHE D 132 -33.84 12.68 21.54
CA PHE D 132 -34.29 11.89 20.39
C PHE D 132 -33.77 10.46 20.50
N PRO D 133 -34.56 9.44 20.16
CA PRO D 133 -34.09 8.06 20.37
C PRO D 133 -32.94 7.66 19.45
N GLU D 134 -32.85 8.23 18.25
CA GLU D 134 -31.80 7.86 17.30
C GLU D 134 -30.41 8.20 17.83
N ILE D 135 -30.21 9.45 18.27
CA ILE D 135 -28.88 9.82 18.75
C ILE D 135 -28.61 9.17 20.10
N ARG D 136 -29.64 8.95 20.92
CA ARG D 136 -29.46 8.22 22.15
C ARG D 136 -28.92 6.81 21.90
N ASN D 137 -29.45 6.14 20.88
CA ASN D 137 -28.98 4.80 20.54
C ASN D 137 -27.58 4.84 19.96
N ILE D 138 -27.24 5.88 19.21
CA ILE D 138 -25.87 6.00 18.72
C ILE D 138 -24.90 6.05 19.88
N VAL D 139 -25.17 6.93 20.86
CA VAL D 139 -24.29 7.04 22.01
C VAL D 139 -24.23 5.72 22.79
N THR D 140 -25.38 5.03 22.93
CA THR D 140 -25.36 3.72 23.59
C THR D 140 -24.45 2.73 22.84
N GLU D 141 -24.61 2.65 21.53
CA GLU D 141 -23.81 1.72 20.74
C GLU D 141 -22.34 2.11 20.72
N ALA D 142 -22.03 3.41 20.82
CA ALA D 142 -20.64 3.84 20.77
C ALA D 142 -19.93 3.53 22.08
N ASP D 143 -20.62 3.73 23.21
CA ASP D 143 -20.03 3.36 24.50
C ASP D 143 -19.81 1.86 24.59
N LYS D 144 -20.76 1.07 24.09
CA LYS D 144 -20.57 -0.39 24.05
C LYS D 144 -19.40 -0.78 23.16
N PHE D 145 -19.24 -0.12 22.02
CA PHE D 145 -18.14 -0.47 21.13
C PHE D 145 -16.78 -0.15 21.76
N VAL D 146 -16.64 1.04 22.34
CA VAL D 146 -15.35 1.42 22.86
C VAL D 146 -14.94 0.47 23.99
N GLN D 147 -15.91 0.09 24.83
CA GLN D 147 -15.60 -0.80 25.95
C GLN D 147 -14.97 -2.08 25.46
N SER D 148 -15.61 -2.72 24.47
CA SER D 148 -15.09 -3.98 23.96
C SER D 148 -13.84 -3.79 23.11
N TYR D 149 -13.69 -2.63 22.47
CA TYR D 149 -12.55 -2.45 21.57
C TYR D 149 -11.27 -2.08 22.33
N LEU D 150 -11.40 -1.28 23.39
CA LEU D 150 -10.24 -0.85 24.18
C LEU D 150 -10.09 -1.64 25.47
N PHE D 151 -11.19 -2.01 26.11
CA PHE D 151 -11.18 -2.57 27.46
C PHE D 151 -11.81 -3.96 27.53
N LYS E 8 -13.11 -13.36 18.85
CA LYS E 8 -12.35 -12.57 17.88
C LYS E 8 -13.28 -11.68 17.06
N HIS E 9 -13.09 -10.36 17.16
CA HIS E 9 -13.85 -9.43 16.36
C HIS E 9 -12.99 -8.96 15.18
N GLU E 10 -13.57 -8.99 13.98
CA GLU E 10 -12.88 -8.58 12.76
C GLU E 10 -13.66 -7.44 12.11
N TYR E 11 -12.96 -6.43 11.63
CA TYR E 11 -13.55 -5.24 11.03
C TYR E 11 -12.92 -5.02 9.66
N SER E 12 -13.75 -4.85 8.63
CA SER E 12 -13.25 -4.67 7.28
C SER E 12 -14.01 -3.56 6.57
N PHE E 13 -13.41 -3.11 5.46
CA PHE E 13 -13.90 -1.97 4.70
C PHE E 13 -13.69 -2.22 3.21
N GLY E 14 -14.69 -1.88 2.44
CA GLY E 14 -14.66 -2.19 1.02
C GLY E 14 -15.46 -1.21 0.20
N VAL E 15 -15.60 -1.50 -1.10
CA VAL E 15 -16.23 -0.60 -2.05
C VAL E 15 -17.12 -1.44 -2.94
N ILE E 16 -18.38 -1.03 -3.11
CA ILE E 16 -19.30 -1.54 -4.14
C ILE E 16 -18.99 -0.78 -5.42
N PRO E 17 -18.19 -1.33 -6.36
CA PRO E 17 -17.76 -0.54 -7.51
C PRO E 17 -18.80 -0.59 -8.61
N ILE E 18 -19.26 0.57 -9.09
CA ILE E 18 -20.30 0.62 -10.11
C ILE E 18 -19.81 1.46 -11.29
N ARG E 19 -20.45 1.25 -12.43
CA ARG E 19 -20.04 1.84 -13.67
C ARG E 19 -21.28 1.93 -14.54
N PHE E 20 -21.33 2.96 -15.38
CA PHE E 20 -22.41 3.11 -16.35
C PHE E 20 -21.87 2.74 -17.72
N PHE E 21 -22.23 1.54 -18.19
CA PHE E 21 -21.84 1.05 -19.51
C PHE E 21 -22.77 1.66 -20.57
N GLY E 22 -22.73 2.98 -20.66
CA GLY E 22 -23.64 3.74 -21.50
C GLY E 22 -24.05 5.06 -20.86
N THR E 23 -25.27 5.54 -21.18
CA THR E 23 -25.78 6.79 -20.63
C THR E 23 -26.51 6.52 -19.32
N PRO E 24 -26.22 7.26 -18.22
CA PRO E 24 -26.64 6.80 -16.88
C PRO E 24 -28.15 6.66 -16.64
N ASP E 25 -28.69 5.47 -16.87
CA ASP E 25 -30.02 5.09 -16.36
C ASP E 25 -29.94 3.70 -15.73
N ARG E 26 -31.08 3.23 -15.23
CA ARG E 26 -31.10 1.98 -14.47
C ARG E 26 -30.75 0.78 -15.34
N SER E 27 -31.03 0.85 -16.64
CA SER E 27 -30.78 -0.29 -17.49
C SER E 27 -29.28 -0.55 -17.68
N THR E 28 -28.46 0.49 -17.59
CA THR E 28 -27.05 0.41 -17.96
C THR E 28 -26.11 0.33 -16.75
N LEU E 29 -26.64 0.39 -15.53
CA LEU E 29 -25.81 0.37 -14.33
C LEU E 29 -25.33 -1.05 -14.03
N LYS E 30 -24.01 -1.24 -13.94
CA LYS E 30 -23.42 -2.52 -13.57
C LYS E 30 -22.43 -2.35 -12.43
N ALA E 31 -22.41 -3.33 -11.54
CA ALA E 31 -21.49 -3.38 -10.41
C ALA E 31 -20.49 -4.52 -10.62
N CYS E 32 -19.30 -4.34 -10.05
CA CYS E 32 -18.23 -5.32 -10.19
C CYS E 32 -18.32 -6.35 -9.07
N PHE E 33 -19.01 -7.46 -9.35
CA PHE E 33 -19.02 -8.60 -8.44
C PHE E 33 -17.72 -9.36 -8.61
N ILE E 34 -17.09 -9.76 -7.49
CA ILE E 34 -15.80 -10.44 -7.53
C ILE E 34 -15.93 -11.76 -6.77
N CYS E 35 -15.12 -12.73 -7.19
CA CYS E 35 -15.05 -14.05 -6.57
C CYS E 35 -13.89 -14.10 -5.59
N HIS E 36 -14.18 -14.24 -4.30
CA HIS E 36 -13.12 -14.27 -3.31
C HIS E 36 -12.30 -15.55 -3.45
N THR E 37 -10.99 -15.41 -3.64
CA THR E 37 -10.14 -16.60 -3.82
C THR E 37 -10.26 -17.54 -2.63
N ASP E 38 -10.25 -17.00 -1.42
CA ASP E 38 -10.35 -17.83 -0.21
C ASP E 38 -11.82 -18.00 0.11
N GLY E 39 -12.40 -19.10 -0.37
CA GLY E 39 -13.78 -19.45 -0.09
C GLY E 39 -14.64 -19.55 -1.34
N LYS E 40 -14.28 -18.84 -2.40
CA LYS E 40 -14.95 -18.85 -3.70
C LYS E 40 -16.38 -18.32 -3.65
N HIS E 41 -16.77 -17.64 -2.58
CA HIS E 41 -18.03 -16.92 -2.55
C HIS E 41 -17.89 -15.58 -3.27
N TRP E 42 -18.99 -15.10 -3.82
CA TRP E 42 -18.98 -13.85 -4.59
C TRP E 42 -19.33 -12.66 -3.67
N GLY E 43 -18.87 -11.48 -4.06
CA GLY E 43 -19.06 -10.31 -3.20
C GLY E 43 -18.42 -9.06 -3.77
N PHE E 44 -17.86 -8.22 -2.91
CA PHE E 44 -17.21 -6.99 -3.35
C PHE E 44 -15.86 -6.86 -2.66
N PRO E 45 -14.95 -6.12 -3.26
CA PRO E 45 -13.60 -5.97 -2.67
C PRO E 45 -13.67 -5.32 -1.30
N LYS E 46 -12.85 -5.84 -0.37
CA LYS E 46 -12.83 -5.33 1.01
C LYS E 46 -11.53 -5.73 1.69
N GLY E 47 -11.22 -5.04 2.77
CA GLY E 47 -10.09 -5.50 3.55
C GLY E 47 -9.92 -4.71 4.84
N HIS E 48 -8.78 -4.92 5.46
CA HIS E 48 -8.55 -4.44 6.82
C HIS E 48 -7.88 -3.08 6.80
N ALA E 49 -8.27 -2.23 7.76
CA ALA E 49 -7.65 -0.94 7.92
C ALA E 49 -6.23 -1.11 8.46
N GLU E 50 -5.34 -0.27 8.00
CA GLU E 50 -3.97 -0.23 8.51
C GLU E 50 -3.86 0.91 9.51
N GLU E 51 -2.73 0.95 10.20
CA GLU E 51 -2.49 1.99 11.19
C GLU E 51 -2.86 3.37 10.63
N LYS E 52 -3.64 4.11 11.39
CA LYS E 52 -3.97 5.51 11.12
C LYS E 52 -4.94 5.71 9.97
N GLU E 53 -5.49 4.65 9.39
CA GLU E 53 -6.49 4.81 8.34
C GLU E 53 -7.86 4.91 8.97
N GLY E 54 -8.71 5.76 8.40
CA GLY E 54 -10.12 5.73 8.68
C GLY E 54 -10.80 4.75 7.73
N PRO E 55 -12.10 4.52 7.95
CA PRO E 55 -12.82 3.54 7.11
C PRO E 55 -12.72 3.80 5.61
N GLN E 56 -12.89 5.04 5.16
CA GLN E 56 -12.90 5.33 3.73
C GLN E 56 -11.51 5.16 3.12
N GLU E 57 -10.46 5.59 3.83
CA GLU E 57 -9.10 5.39 3.35
C GLU E 57 -8.76 3.91 3.21
N ALA E 58 -9.18 3.09 4.18
CA ALA E 58 -8.93 1.66 4.06
C ALA E 58 -9.69 1.08 2.87
N ALA E 59 -10.95 1.45 2.70
CA ALA E 59 -11.75 0.94 1.59
C ALA E 59 -11.16 1.33 0.24
N GLU E 60 -10.78 2.59 0.10
CA GLU E 60 -10.15 3.07 -1.12
C GLU E 60 -8.87 2.33 -1.43
N ARG E 61 -8.03 2.13 -0.41
CA ARG E 61 -6.77 1.43 -0.64
C ARG E 61 -7.00 -0.03 -1.04
N GLU E 62 -7.95 -0.69 -0.39
CA GLU E 62 -8.19 -2.10 -0.68
C GLU E 62 -8.80 -2.28 -2.06
N LEU E 63 -9.68 -1.36 -2.45
CA LEU E 63 -10.22 -1.39 -3.81
C LEU E 63 -9.11 -1.34 -4.85
N VAL E 64 -8.18 -0.39 -4.69
CA VAL E 64 -7.09 -0.21 -5.66
C VAL E 64 -6.15 -1.41 -5.66
N GLU E 65 -5.75 -1.88 -4.47
CA GLU E 65 -4.88 -3.07 -4.39
C GLU E 65 -5.53 -4.29 -5.04
N GLU E 66 -6.82 -4.51 -4.79
CA GLU E 66 -7.42 -5.77 -5.15
C GLU E 66 -7.95 -5.79 -6.59
N THR E 67 -8.24 -4.62 -7.18
CA THR E 67 -8.85 -4.58 -8.52
C THR E 67 -8.15 -3.65 -9.51
N GLY E 68 -7.19 -2.85 -9.07
CA GLY E 68 -6.68 -1.77 -9.90
C GLY E 68 -7.65 -0.65 -10.22
N LEU E 69 -8.91 -0.73 -9.80
CA LEU E 69 -9.87 0.31 -10.13
C LEU E 69 -9.64 1.58 -9.30
N GLY E 70 -9.95 2.72 -9.92
CA GLY E 70 -9.89 4.02 -9.25
C GLY E 70 -11.25 4.63 -9.00
N ILE E 71 -11.33 5.58 -8.05
CA ILE E 71 -12.60 6.19 -7.67
C ILE E 71 -12.85 7.39 -8.56
N VAL E 72 -14.02 7.44 -9.18
CA VAL E 72 -14.50 8.67 -9.79
C VAL E 72 -15.25 9.53 -8.77
N ASN E 73 -16.26 8.95 -8.11
CA ASN E 73 -17.14 9.68 -7.21
C ASN E 73 -17.67 8.74 -6.14
N PHE E 74 -17.66 9.19 -4.89
CA PHE E 74 -18.33 8.47 -3.81
C PHE E 74 -19.80 8.88 -3.73
N PHE E 75 -20.64 7.91 -3.53
CA PHE E 75 -22.00 8.27 -3.16
C PHE E 75 -22.10 8.46 -1.65
N PRO E 76 -23.11 9.31 -1.16
CA PRO E 76 -23.17 9.66 0.27
C PRO E 76 -23.98 8.66 1.09
N LYS E 77 -23.57 7.39 1.03
CA LYS E 77 -24.22 6.34 1.79
C LYS E 77 -23.24 5.19 1.99
N ILE E 78 -23.33 4.55 3.15
CA ILE E 78 -22.55 3.36 3.45
C ILE E 78 -23.51 2.21 3.73
N PHE E 79 -22.97 1.00 3.64
CA PHE E 79 -23.76 -0.22 3.79
C PHE E 79 -22.97 -1.16 4.68
N VAL E 80 -23.61 -1.69 5.72
CA VAL E 80 -22.90 -2.47 6.72
C VAL E 80 -23.53 -3.86 6.83
N GLU E 81 -22.68 -4.89 6.87
CA GLU E 81 -23.10 -6.25 7.18
C GLU E 81 -22.33 -6.78 8.36
N ASN E 82 -22.99 -7.69 9.10
CA ASN E 82 -22.42 -8.40 10.23
C ASN E 82 -22.66 -9.88 10.04
N TYR E 83 -21.61 -10.69 10.19
CA TYR E 83 -21.79 -12.14 10.13
C TYR E 83 -20.74 -12.80 11.02
N SER E 84 -20.95 -14.10 11.26
CA SER E 84 -20.10 -14.89 12.14
C SER E 84 -19.74 -16.19 11.44
N PHE E 85 -18.57 -16.73 11.77
CA PHE E 85 -18.07 -17.92 11.11
C PHE E 85 -16.94 -18.50 11.96
N ASN E 86 -16.53 -19.71 11.60
CA ASN E 86 -15.37 -20.38 12.19
C ASN E 86 -14.25 -20.36 11.18
N ASP E 87 -13.10 -19.84 11.58
CA ASP E 87 -12.00 -19.61 10.64
C ASP E 87 -11.18 -20.88 10.43
N LYS E 88 -9.96 -20.72 9.88
CA LYS E 88 -9.10 -21.86 9.60
C LYS E 88 -8.79 -22.63 10.87
N GLU E 89 -8.33 -21.94 11.91
CA GLU E 89 -8.00 -22.57 13.18
C GLU E 89 -9.25 -22.98 14.00
N GLU E 90 -10.43 -22.96 13.39
CA GLU E 90 -11.69 -23.31 14.06
C GLU E 90 -12.03 -22.32 15.17
N ILE E 91 -11.53 -21.07 15.06
CA ILE E 91 -11.88 -20.00 16.00
C ILE E 91 -13.17 -19.33 15.53
N PHE E 92 -14.00 -18.94 16.50
CA PHE E 92 -15.23 -18.22 16.20
C PHE E 92 -14.92 -16.75 15.99
N VAL E 93 -15.39 -16.19 14.88
CA VAL E 93 -15.12 -14.82 14.50
C VAL E 93 -16.44 -14.09 14.31
N ARG E 94 -16.54 -12.89 14.90
CA ARG E 94 -17.65 -11.98 14.63
C ARG E 94 -17.09 -10.87 13.73
N LYS E 95 -17.64 -10.74 12.53
CA LYS E 95 -17.06 -9.88 11.52
C LYS E 95 -18.05 -8.80 11.10
N GLU E 96 -17.52 -7.60 10.89
CA GLU E 96 -18.31 -6.46 10.44
C GLU E 96 -17.59 -5.85 9.25
N VAL E 97 -18.34 -5.62 8.17
CA VAL E 97 -17.82 -5.06 6.92
C VAL E 97 -18.65 -3.83 6.58
N THR E 98 -17.97 -2.69 6.35
CA THR E 98 -18.59 -1.45 5.89
C THR E 98 -18.24 -1.17 4.43
N TYR E 99 -19.26 -1.09 3.57
CA TYR E 99 -19.06 -0.82 2.15
C TYR E 99 -19.40 0.62 1.82
N PHE E 100 -18.51 1.29 1.12
CA PHE E 100 -18.83 2.51 0.42
C PHE E 100 -19.33 2.19 -0.99
N LEU E 101 -19.99 3.16 -1.59
CA LEU E 101 -20.55 3.03 -2.95
C LEU E 101 -19.90 4.09 -3.82
N ALA E 102 -19.25 3.65 -4.89
CA ALA E 102 -18.41 4.55 -5.68
C ALA E 102 -18.50 4.21 -7.14
N GLU E 103 -18.71 5.23 -7.96
CA GLU E 103 -18.50 5.09 -9.40
C GLU E 103 -17.01 4.95 -9.65
N VAL E 104 -16.62 3.95 -10.44
CA VAL E 104 -15.20 3.66 -10.63
C VAL E 104 -14.81 3.83 -12.10
N LYS E 105 -13.51 3.97 -12.31
CA LYS E 105 -12.90 4.07 -13.62
C LYS E 105 -11.77 3.06 -13.71
N GLY E 106 -11.40 2.72 -14.95
CA GLY E 106 -10.30 1.81 -15.24
C GLY E 106 -10.77 0.40 -15.52
N GLU E 107 -9.87 -0.37 -16.15
CA GLU E 107 -10.05 -1.79 -16.38
C GLU E 107 -9.63 -2.55 -15.14
N VAL E 108 -10.41 -3.57 -14.76
CA VAL E 108 -9.96 -4.38 -13.62
C VAL E 108 -8.66 -5.07 -13.96
N HIS E 109 -7.70 -5.01 -13.04
CA HIS E 109 -6.57 -5.94 -13.01
C HIS E 109 -6.44 -6.45 -11.59
N ALA E 110 -6.90 -7.68 -11.36
CA ALA E 110 -7.12 -8.17 -10.00
C ALA E 110 -5.86 -8.77 -9.39
N ASP E 111 -5.81 -8.74 -8.06
CA ASP E 111 -4.83 -9.49 -7.30
C ASP E 111 -5.29 -10.95 -7.15
N PRO E 112 -4.66 -11.91 -7.84
CA PRO E 112 -5.15 -13.30 -7.77
C PRO E 112 -5.11 -13.89 -6.38
N ASP E 113 -4.24 -13.36 -5.49
CA ASP E 113 -4.23 -13.82 -4.10
C ASP E 113 -5.58 -13.62 -3.42
N GLU E 114 -6.43 -12.72 -3.93
CA GLU E 114 -7.69 -12.41 -3.28
C GLU E 114 -8.89 -12.49 -4.21
N ILE E 115 -8.66 -12.28 -5.52
CA ILE E 115 -9.76 -12.19 -6.48
C ILE E 115 -9.41 -13.10 -7.66
N CYS E 116 -10.26 -14.10 -7.91
CA CYS E 116 -9.98 -15.08 -8.97
C CYS E 116 -10.94 -14.99 -10.14
N ASP E 117 -11.90 -14.06 -10.09
CA ASP E 117 -12.86 -13.89 -11.17
C ASP E 117 -13.69 -12.62 -10.90
N VAL E 118 -14.18 -12.04 -11.99
CA VAL E 118 -14.94 -10.81 -12.01
C VAL E 118 -16.21 -11.05 -12.83
N GLN E 119 -17.30 -10.39 -12.42
CA GLN E 119 -18.48 -10.29 -13.30
C GLN E 119 -19.13 -8.94 -13.10
N TRP E 120 -19.13 -8.14 -14.16
CA TRP E 120 -19.93 -6.92 -14.17
C TRP E 120 -21.37 -7.32 -14.47
N LEU E 121 -22.27 -7.00 -13.53
CA LEU E 121 -23.68 -7.37 -13.61
C LEU E 121 -24.53 -6.25 -13.06
N SER E 122 -25.78 -6.19 -13.53
CA SER E 122 -26.79 -5.44 -12.81
C SER E 122 -26.93 -6.02 -11.41
N PHE E 123 -27.38 -5.19 -10.46
CA PHE E 123 -27.59 -5.72 -9.12
C PHE E 123 -28.49 -6.95 -9.16
N GLN E 124 -29.49 -6.96 -10.05
CA GLN E 124 -30.43 -8.07 -10.06
C GLN E 124 -29.79 -9.36 -10.57
N GLU E 125 -28.97 -9.29 -11.62
CA GLU E 125 -28.24 -10.48 -12.04
C GLU E 125 -27.23 -10.89 -10.97
N GLY E 126 -26.54 -9.93 -10.37
CA GLY E 126 -25.50 -10.27 -9.42
C GLY E 126 -26.06 -10.97 -8.20
N LEU E 127 -27.29 -10.60 -7.80
CA LEU E 127 -27.94 -11.29 -6.70
C LEU E 127 -27.92 -12.80 -6.88
N ARG E 128 -27.93 -13.27 -8.13
CA ARG E 128 -27.96 -14.72 -8.40
C ARG E 128 -26.66 -15.41 -8.03
N LEU E 129 -25.55 -14.67 -7.92
CA LEU E 129 -24.25 -15.24 -7.57
C LEU E 129 -24.05 -15.42 -6.08
N LEU E 130 -24.89 -14.83 -5.26
CA LEU E 130 -24.60 -14.66 -3.85
C LEU E 130 -25.34 -15.71 -3.04
N ASN E 131 -24.64 -16.32 -2.09
CA ASN E 131 -25.20 -17.42 -1.30
C ASN E 131 -25.35 -17.12 0.18
N PHE E 132 -24.77 -16.02 0.67
CA PHE E 132 -25.04 -15.60 2.04
C PHE E 132 -26.14 -14.53 2.05
N PRO E 133 -27.05 -14.49 3.02
CA PRO E 133 -28.13 -13.50 2.96
C PRO E 133 -27.66 -12.07 3.24
N GLU E 134 -26.64 -11.91 4.09
CA GLU E 134 -26.19 -10.57 4.48
C GLU E 134 -25.68 -9.78 3.27
N ILE E 135 -24.85 -10.40 2.43
CA ILE E 135 -24.37 -9.68 1.25
C ILE E 135 -25.51 -9.46 0.27
N ARG E 136 -26.51 -10.35 0.25
CA ARG E 136 -27.66 -10.14 -0.62
C ARG E 136 -28.41 -8.88 -0.21
N ASN E 137 -28.58 -8.68 1.10
CA ASN E 137 -29.22 -7.48 1.62
C ASN E 137 -28.42 -6.23 1.26
N ILE E 138 -27.10 -6.32 1.32
CA ILE E 138 -26.26 -5.20 0.89
C ILE E 138 -26.66 -4.79 -0.52
N VAL E 139 -26.71 -5.78 -1.43
CA VAL E 139 -27.06 -5.51 -2.81
C VAL E 139 -28.48 -4.95 -2.91
N THR E 140 -29.40 -5.52 -2.13
CA THR E 140 -30.79 -5.03 -2.13
C THR E 140 -30.84 -3.58 -1.65
N GLU E 141 -30.17 -3.29 -0.54
CA GLU E 141 -30.10 -1.91 -0.04
C GLU E 141 -29.47 -0.99 -1.06
N ALA E 142 -28.37 -1.42 -1.70
CA ALA E 142 -27.70 -0.56 -2.65
C ALA E 142 -28.58 -0.29 -3.86
N ASP E 143 -29.21 -1.34 -4.40
CA ASP E 143 -30.12 -1.15 -5.53
C ASP E 143 -31.20 -0.12 -5.21
N LYS E 144 -31.88 -0.30 -4.09
CA LYS E 144 -32.88 0.66 -3.63
C LYS E 144 -32.32 2.08 -3.61
N PHE E 145 -31.12 2.25 -3.06
CA PHE E 145 -30.56 3.60 -2.90
C PHE E 145 -30.30 4.26 -4.26
N VAL E 146 -29.66 3.54 -5.18
CA VAL E 146 -29.40 4.13 -6.49
C VAL E 146 -30.72 4.51 -7.18
N GLN E 147 -31.73 3.64 -7.10
CA GLN E 147 -33.02 3.95 -7.70
C GLN E 147 -33.58 5.25 -7.14
N SER E 148 -33.45 5.44 -5.82
CA SER E 148 -33.86 6.69 -5.18
C SER E 148 -32.95 7.85 -5.56
N TYR E 149 -31.63 7.63 -5.57
CA TYR E 149 -30.69 8.74 -5.63
C TYR E 149 -30.50 9.28 -7.04
N LEU E 150 -30.64 8.43 -8.05
CA LEU E 150 -30.40 8.81 -9.44
C LEU E 150 -31.66 8.75 -10.28
N PHE E 151 -32.48 7.73 -10.11
CA PHE E 151 -33.57 7.43 -11.03
C PHE E 151 -34.94 7.58 -10.38
N LYS F 8 52.29 12.36 34.48
CA LYS F 8 52.79 12.77 33.17
C LYS F 8 51.80 13.68 32.42
N HIS F 9 52.34 14.64 31.68
CA HIS F 9 51.55 15.56 30.87
C HIS F 9 52.01 15.48 29.42
N GLU F 10 51.06 15.37 28.51
CA GLU F 10 51.35 15.21 27.09
C GLU F 10 50.62 16.30 26.35
N TYR F 11 51.27 16.90 25.34
CA TYR F 11 50.70 18.00 24.58
C TYR F 11 50.83 17.65 23.11
N SER F 12 49.75 17.75 22.36
CA SER F 12 49.78 17.39 20.96
C SER F 12 49.08 18.45 20.14
N PHE F 13 49.42 18.46 18.84
CA PHE F 13 48.96 19.48 17.92
C PHE F 13 48.60 18.83 16.60
N GLY F 14 47.41 19.15 16.08
CA GLY F 14 46.87 18.46 14.94
C GLY F 14 46.21 19.44 14.00
N VAL F 15 45.66 18.88 12.92
CA VAL F 15 44.94 19.65 11.92
C VAL F 15 43.68 18.89 11.56
N ILE F 16 42.55 19.60 11.59
CA ILE F 16 41.30 19.13 10.99
C ILE F 16 41.41 19.48 9.51
N PRO F 17 41.75 18.50 8.65
CA PRO F 17 42.03 18.84 7.26
C PRO F 17 40.76 18.80 6.44
N ILE F 18 40.40 19.92 5.81
CA ILE F 18 39.15 20.00 5.06
C ILE F 18 39.43 20.38 3.60
N ARG F 19 38.37 20.31 2.81
CA ARG F 19 38.45 20.44 1.36
C ARG F 19 37.02 20.55 0.83
N PHE F 20 36.83 21.33 -0.23
CA PHE F 20 35.50 21.54 -0.78
C PHE F 20 35.36 20.71 -2.04
N PHE F 21 34.32 19.87 -2.08
CA PHE F 21 34.00 19.06 -3.26
C PHE F 21 32.85 19.71 -4.00
N GLY F 22 33.18 20.84 -4.64
CA GLY F 22 32.22 21.69 -5.30
C GLY F 22 32.27 23.11 -4.75
N THR F 23 31.12 23.78 -4.84
CA THR F 23 31.01 25.20 -4.53
C THR F 23 31.30 25.46 -3.05
N PRO F 24 32.32 26.29 -2.71
CA PRO F 24 32.67 26.51 -1.29
C PRO F 24 31.55 27.04 -0.41
N ASP F 25 31.06 26.18 0.48
CA ASP F 25 29.94 26.47 1.37
C ASP F 25 29.89 25.36 2.40
N ARG F 26 28.89 25.40 3.28
CA ARG F 26 28.70 24.31 4.23
C ARG F 26 28.33 23.00 3.51
N SER F 27 27.71 23.10 2.33
CA SER F 27 27.16 21.93 1.65
C SER F 27 28.22 21.09 0.96
N THR F 28 29.35 21.69 0.57
CA THR F 28 30.35 20.99 -0.23
C THR F 28 31.57 20.54 0.56
N LEU F 29 31.70 20.95 1.82
CA LEU F 29 32.91 20.66 2.57
C LEU F 29 32.92 19.22 3.08
N LYS F 30 34.12 18.65 3.10
CA LYS F 30 34.37 17.35 3.72
C LYS F 30 35.72 17.36 4.42
N ALA F 31 35.81 16.59 5.51
CA ALA F 31 37.00 16.50 6.34
C ALA F 31 37.58 15.11 6.26
N CYS F 32 38.90 15.05 6.41
CA CYS F 32 39.69 13.82 6.36
C CYS F 32 39.80 13.20 7.76
N PHE F 33 38.87 12.30 8.07
CA PHE F 33 38.97 11.47 9.25
C PHE F 33 40.00 10.39 9.05
N ILE F 34 40.82 10.14 10.06
CA ILE F 34 41.82 9.09 10.02
C ILE F 34 41.59 8.18 11.22
N CYS F 35 42.18 6.98 11.14
CA CYS F 35 42.05 5.94 12.16
C CYS F 35 43.44 5.65 12.70
N HIS F 36 43.60 5.77 14.02
CA HIS F 36 44.92 5.62 14.63
C HIS F 36 45.30 4.16 14.73
N THR F 37 46.50 3.83 14.24
CA THR F 37 46.98 2.45 14.27
C THR F 37 47.01 1.91 15.70
N ASP F 38 47.54 2.69 16.64
CA ASP F 38 47.56 2.30 18.04
C ASP F 38 46.26 2.74 18.69
N GLY F 39 45.30 1.82 18.78
CA GLY F 39 44.03 2.04 19.46
C GLY F 39 42.81 1.94 18.56
N LYS F 40 42.99 2.20 17.27
CA LYS F 40 41.92 2.10 16.27
C LYS F 40 40.74 3.03 16.57
N HIS F 41 40.94 4.06 17.38
CA HIS F 41 39.94 5.11 17.50
C HIS F 41 40.11 6.08 16.34
N TRP F 42 39.01 6.70 15.94
CA TRP F 42 39.04 7.67 14.86
C TRP F 42 39.29 9.07 15.41
N GLY F 43 39.85 9.93 14.57
CA GLY F 43 40.11 11.34 14.90
C GLY F 43 40.78 12.06 13.75
N PHE F 44 41.66 13.02 14.07
CA PHE F 44 42.40 13.77 13.06
C PHE F 44 43.90 13.67 13.29
N PRO F 45 44.70 13.96 12.25
CA PRO F 45 46.17 13.88 12.38
C PRO F 45 46.66 14.81 13.48
N LYS F 46 47.57 14.32 14.32
CA LYS F 46 48.09 15.13 15.42
C LYS F 46 49.41 14.53 15.86
N GLY F 47 50.25 15.36 16.49
CA GLY F 47 51.47 14.81 17.04
C GLY F 47 52.14 15.78 17.98
N HIS F 48 53.30 15.36 18.48
CA HIS F 48 54.03 16.11 19.48
C HIS F 48 54.89 17.18 18.81
N ALA F 49 55.05 18.30 19.51
CA ALA F 49 55.95 19.34 19.06
C ALA F 49 57.39 18.92 19.32
N GLU F 50 58.25 19.20 18.35
CA GLU F 50 59.69 19.08 18.53
C GLU F 50 60.20 20.19 19.46
N GLU F 51 61.48 20.10 19.82
CA GLU F 51 62.08 21.06 20.74
C GLU F 51 61.96 22.47 20.18
N LYS F 52 61.23 23.33 20.90
CA LYS F 52 61.04 24.74 20.59
C LYS F 52 60.27 24.99 19.29
N GLU F 53 59.58 23.98 18.78
CA GLU F 53 58.65 24.18 17.67
C GLU F 53 57.38 24.84 18.18
N GLY F 54 56.88 25.82 17.42
CA GLY F 54 55.62 26.46 17.73
C GLY F 54 54.45 25.54 17.43
N PRO F 55 53.34 25.69 18.18
CA PRO F 55 52.18 24.80 17.99
C PRO F 55 51.75 24.65 16.54
N GLN F 56 51.67 25.76 15.79
CA GLN F 56 51.18 25.69 14.42
C GLN F 56 52.15 24.95 13.51
N GLU F 57 53.45 25.10 13.78
CA GLU F 57 54.45 24.39 12.99
C GLU F 57 54.42 22.90 13.27
N ALA F 58 54.29 22.51 14.56
CA ALA F 58 54.16 21.08 14.88
C ALA F 58 52.94 20.48 14.17
N ALA F 59 51.84 21.22 14.16
CA ALA F 59 50.61 20.70 13.56
C ALA F 59 50.79 20.49 12.05
N GLU F 60 51.37 21.49 11.37
CA GLU F 60 51.60 21.39 9.94
C GLU F 60 52.57 20.25 9.62
N ARG F 61 53.69 20.18 10.35
CA ARG F 61 54.67 19.11 10.12
C ARG F 61 54.04 17.74 10.34
N GLU F 62 53.34 17.55 11.45
CA GLU F 62 52.70 16.26 11.69
C GLU F 62 51.66 15.93 10.63
N LEU F 63 50.93 16.94 10.14
CA LEU F 63 49.97 16.66 9.06
C LEU F 63 50.68 16.11 7.84
N VAL F 64 51.79 16.73 7.43
CA VAL F 64 52.50 16.23 6.25
C VAL F 64 53.06 14.83 6.51
N GLU F 65 53.70 14.65 7.66
CA GLU F 65 54.31 13.35 7.99
C GLU F 65 53.30 12.23 7.89
N GLU F 66 52.12 12.42 8.49
CA GLU F 66 51.17 11.32 8.62
C GLU F 66 50.28 11.15 7.39
N THR F 67 50.15 12.17 6.54
CA THR F 67 49.19 12.12 5.44
C THR F 67 49.73 12.64 4.12
N GLY F 68 50.86 13.33 4.07
CA GLY F 68 51.33 13.94 2.84
C GLY F 68 50.60 15.20 2.46
N LEU F 69 49.45 15.48 3.07
CA LEU F 69 48.67 16.66 2.74
C LEU F 69 49.43 17.93 3.11
N GLY F 70 49.26 18.96 2.29
CA GLY F 70 49.78 20.28 2.57
C GLY F 70 48.71 21.33 2.84
N ILE F 71 49.08 22.42 3.52
CA ILE F 71 48.12 23.47 3.87
C ILE F 71 47.88 24.36 2.67
N VAL F 72 46.61 24.58 2.33
CA VAL F 72 46.20 25.66 1.44
C VAL F 72 46.04 26.92 2.29
N ASN F 73 45.06 26.94 3.20
CA ASN F 73 44.81 28.07 4.09
C ASN F 73 44.38 27.57 5.47
N PHE F 74 44.76 28.34 6.49
CA PHE F 74 44.23 28.19 7.84
C PHE F 74 42.97 29.01 8.01
N PHE F 75 41.94 28.41 8.62
CA PHE F 75 40.83 29.20 9.12
C PHE F 75 41.21 29.79 10.47
N PRO F 76 40.62 30.88 10.84
CA PRO F 76 40.92 31.52 12.14
C PRO F 76 40.15 30.88 13.29
N LYS F 77 40.41 29.60 13.54
CA LYS F 77 39.80 28.93 14.68
C LYS F 77 40.63 27.74 15.10
N ILE F 78 40.64 27.47 16.41
CA ILE F 78 41.27 26.26 16.93
C ILE F 78 40.26 25.58 17.85
N PHE F 79 40.50 24.29 18.07
CA PHE F 79 39.70 23.46 18.96
C PHE F 79 40.62 22.71 19.88
N VAL F 80 40.22 22.56 21.14
CA VAL F 80 41.04 21.95 22.18
C VAL F 80 40.23 20.87 22.88
N GLU F 81 40.81 19.68 23.03
CA GLU F 81 40.25 18.65 23.88
C GLU F 81 41.25 18.29 24.96
N ASN F 82 40.73 17.80 26.08
CA ASN F 82 41.51 17.36 27.24
C ASN F 82 40.96 16.02 27.70
N TYR F 83 41.83 15.02 27.79
CA TYR F 83 41.42 13.72 28.29
C TYR F 83 42.56 13.09 29.09
N SER F 84 42.20 12.10 29.90
CA SER F 84 43.12 11.36 30.76
C SER F 84 43.06 9.87 30.45
N PHE F 85 44.18 9.19 30.59
CA PHE F 85 44.23 7.75 30.34
C PHE F 85 45.47 7.14 30.97
N ASN F 86 45.47 5.80 31.06
CA ASN F 86 46.64 5.03 31.45
C ASN F 86 47.35 4.54 30.19
N ASP F 87 48.66 4.80 30.09
CA ASP F 87 49.40 4.35 28.91
C ASP F 87 49.76 2.87 29.07
N LYS F 88 50.57 2.36 28.12
CA LYS F 88 50.86 0.92 28.09
C LYS F 88 51.68 0.48 29.30
N GLU F 89 52.55 1.34 29.81
CA GLU F 89 53.31 1.04 31.04
C GLU F 89 52.50 1.29 32.31
N GLU F 90 51.20 1.50 32.21
CA GLU F 90 50.31 1.74 33.35
C GLU F 90 50.48 3.13 33.96
N ILE F 91 51.06 4.09 33.21
CA ILE F 91 51.31 5.45 33.71
C ILE F 91 50.10 6.32 33.46
N PHE F 92 49.74 7.11 34.46
CA PHE F 92 48.63 8.05 34.36
C PHE F 92 49.07 9.27 33.55
N VAL F 93 48.39 9.52 32.43
CA VAL F 93 48.73 10.61 31.51
C VAL F 93 47.56 11.56 31.42
N ARG F 94 47.85 12.87 31.55
CA ARG F 94 46.88 13.91 31.26
C ARG F 94 47.28 14.55 29.93
N LYS F 95 46.38 14.53 28.96
CA LYS F 95 46.72 14.93 27.59
C LYS F 95 45.82 16.08 27.16
N GLU F 96 46.43 17.02 26.43
CA GLU F 96 45.76 18.15 25.81
C GLU F 96 46.14 18.14 24.34
N VAL F 97 45.14 18.22 23.46
CA VAL F 97 45.34 18.24 22.02
C VAL F 97 44.71 19.51 21.49
N THR F 98 45.47 20.24 20.69
CA THR F 98 45.00 21.46 20.05
C THR F 98 44.88 21.23 18.55
N TYR F 99 43.69 21.44 17.99
CA TYR F 99 43.48 21.26 16.57
C TYR F 99 43.35 22.60 15.87
N PHE F 100 44.23 22.83 14.89
CA PHE F 100 44.03 23.84 13.88
C PHE F 100 43.08 23.29 12.81
N LEU F 101 42.49 24.21 12.04
CA LEU F 101 41.52 23.89 10.98
C LEU F 101 42.02 24.52 9.69
N ALA F 102 42.18 23.69 8.64
CA ALA F 102 42.84 24.19 7.43
C ALA F 102 42.27 23.52 6.19
N GLU F 103 42.02 24.33 5.16
CA GLU F 103 41.81 23.76 3.83
C GLU F 103 43.15 23.22 3.31
N VAL F 104 43.14 22.02 2.75
CA VAL F 104 44.37 21.31 2.42
C VAL F 104 44.38 20.93 0.94
N LYS F 105 45.55 20.50 0.48
CA LYS F 105 45.74 19.99 -0.87
C LYS F 105 46.74 18.84 -0.82
N GLY F 106 46.90 18.19 -1.97
CA GLY F 106 47.75 17.02 -2.10
C GLY F 106 46.94 15.75 -2.11
N GLU F 107 47.67 14.63 -2.18
CA GLU F 107 47.08 13.30 -2.15
C GLU F 107 47.43 12.64 -0.84
N VAL F 108 46.46 11.94 -0.26
CA VAL F 108 46.66 11.30 1.03
C VAL F 108 47.63 10.14 0.85
N HIS F 109 48.84 10.30 1.38
CA HIS F 109 49.78 9.20 1.55
C HIS F 109 49.89 8.94 3.04
N ALA F 110 49.31 7.83 3.48
CA ALA F 110 49.17 7.54 4.91
C ALA F 110 50.36 6.74 5.43
N ASP F 111 50.92 7.18 6.56
CA ASP F 111 52.00 6.46 7.20
C ASP F 111 51.42 5.33 8.04
N PRO F 112 51.56 4.07 7.61
CA PRO F 112 50.85 2.97 8.30
C PRO F 112 51.31 2.76 9.72
N ASP F 113 52.47 3.28 10.12
CA ASP F 113 52.90 3.15 11.50
C ASP F 113 51.96 3.91 12.45
N GLU F 114 51.27 4.93 11.94
CA GLU F 114 50.40 5.77 12.76
C GLU F 114 48.96 5.80 12.30
N ILE F 115 48.69 5.66 11.01
CA ILE F 115 47.35 5.80 10.44
C ILE F 115 46.97 4.49 9.76
N CYS F 116 45.86 3.89 10.19
CA CYS F 116 45.42 2.62 9.62
C CYS F 116 44.22 2.77 8.68
N ASP F 117 43.63 3.96 8.57
CA ASP F 117 42.54 4.13 7.63
C ASP F 117 42.26 5.61 7.44
N VAL F 118 41.54 5.91 6.36
CA VAL F 118 41.28 7.27 5.91
C VAL F 118 39.86 7.34 5.38
N GLN F 119 39.17 8.45 5.63
CA GLN F 119 37.82 8.62 5.09
C GLN F 119 37.48 10.10 5.04
N TRP F 120 37.36 10.64 3.83
CA TRP F 120 36.79 11.97 3.68
C TRP F 120 35.28 11.87 3.88
N LEU F 121 34.77 12.58 4.90
CA LEU F 121 33.35 12.58 5.22
C LEU F 121 32.95 13.98 5.67
N SER F 122 31.66 14.26 5.59
CA SER F 122 31.19 15.45 6.28
C SER F 122 31.37 15.22 7.77
N PHE F 123 31.29 16.32 8.54
CA PHE F 123 31.44 16.19 9.98
C PHE F 123 30.34 15.30 10.56
N GLN F 124 29.11 15.43 10.05
CA GLN F 124 28.00 14.61 10.52
C GLN F 124 28.26 13.13 10.26
N GLU F 125 28.67 12.79 9.04
CA GLU F 125 29.00 11.40 8.74
C GLU F 125 30.14 10.93 9.62
N GLY F 126 31.15 11.78 9.83
CA GLY F 126 32.27 11.34 10.63
C GLY F 126 31.90 11.17 12.09
N LEU F 127 30.89 11.89 12.56
CA LEU F 127 30.50 11.78 13.96
C LEU F 127 30.08 10.36 14.32
N ARG F 128 29.63 9.58 13.33
CA ARG F 128 29.26 8.18 13.58
C ARG F 128 30.45 7.32 13.94
N LEU F 129 31.64 7.68 13.47
CA LEU F 129 32.84 6.90 13.73
C LEU F 129 33.36 7.09 15.15
N LEU F 130 32.93 8.13 15.86
CA LEU F 130 33.56 8.57 17.09
C LEU F 130 32.78 8.13 18.32
N ASN F 131 33.52 7.71 19.36
CA ASN F 131 32.96 7.25 20.64
C ASN F 131 33.29 8.12 21.85
N PHE F 132 34.54 8.56 22.02
CA PHE F 132 34.88 9.39 23.18
C PHE F 132 34.12 10.71 23.13
N PRO F 133 33.58 11.19 24.26
CA PRO F 133 32.83 12.45 24.24
C PRO F 133 33.64 13.66 23.81
N GLU F 134 34.92 13.71 24.16
CA GLU F 134 35.74 14.89 23.87
C GLU F 134 35.85 15.14 22.37
N ILE F 135 36.17 14.10 21.59
CA ILE F 135 36.37 14.30 20.15
C ILE F 135 35.01 14.48 19.46
N ARG F 136 33.93 13.91 20.02
CA ARG F 136 32.59 14.19 19.50
C ARG F 136 32.22 15.66 19.66
N ASN F 137 32.59 16.26 20.80
CA ASN F 137 32.33 17.68 21.01
C ASN F 137 33.13 18.54 20.03
N ILE F 138 34.36 18.15 19.72
CA ILE F 138 35.18 18.90 18.77
C ILE F 138 34.54 18.87 17.38
N VAL F 139 34.02 17.71 16.98
CA VAL F 139 33.43 17.59 15.66
C VAL F 139 32.09 18.30 15.61
N THR F 140 31.26 18.14 16.65
CA THR F 140 30.01 18.88 16.76
C THR F 140 30.28 20.38 16.70
N GLU F 141 31.27 20.84 17.47
CA GLU F 141 31.69 22.23 17.43
C GLU F 141 32.19 22.62 16.06
N ALA F 142 32.99 21.75 15.43
CA ALA F 142 33.54 22.08 14.13
C ALA F 142 32.42 22.32 13.12
N ASP F 143 31.41 21.45 13.15
CA ASP F 143 30.27 21.60 12.26
C ASP F 143 29.57 22.94 12.46
N LYS F 144 29.21 23.26 13.71
CA LYS F 144 28.64 24.58 14.01
C LYS F 144 29.44 25.70 13.38
N PHE F 145 30.77 25.61 13.46
CA PHE F 145 31.61 26.72 13.01
C PHE F 145 31.52 26.90 11.51
N VAL F 146 31.65 25.81 10.76
CA VAL F 146 31.58 25.88 9.31
C VAL F 146 30.18 26.27 8.85
N GLN F 147 29.16 25.90 9.59
CA GLN F 147 27.81 26.32 9.24
C GLN F 147 27.58 27.84 9.44
N SER F 148 28.63 28.60 9.79
CA SER F 148 28.60 30.06 9.86
C SER F 148 29.75 30.74 9.14
N TYR F 149 30.84 30.03 8.80
CA TYR F 149 31.96 30.65 8.11
C TYR F 149 31.83 30.49 6.59
N LYS G 8 -14.46 -60.59 -9.16
CA LYS G 8 -15.73 -60.35 -8.49
C LYS G 8 -16.35 -59.04 -8.96
N HIS G 9 -17.66 -59.05 -9.23
CA HIS G 9 -18.40 -57.84 -9.55
C HIS G 9 -19.25 -57.42 -8.36
N GLU G 10 -19.27 -56.11 -8.12
CA GLU G 10 -20.05 -55.53 -7.03
C GLU G 10 -20.96 -54.46 -7.59
N TYR G 11 -22.13 -54.30 -6.96
CA TYR G 11 -23.11 -53.32 -7.37
C TYR G 11 -23.66 -52.61 -6.14
N SER G 12 -23.86 -51.29 -6.26
CA SER G 12 -24.32 -50.50 -5.12
C SER G 12 -25.31 -49.46 -5.59
N PHE G 13 -26.12 -49.03 -4.64
CA PHE G 13 -27.18 -48.07 -4.88
C PHE G 13 -27.22 -47.09 -3.75
N GLY G 14 -27.35 -45.81 -4.10
CA GLY G 14 -27.30 -44.75 -3.12
C GLY G 14 -28.16 -43.57 -3.54
N VAL G 15 -28.12 -42.53 -2.71
CA VAL G 15 -28.90 -41.32 -2.92
C VAL G 15 -27.95 -40.15 -2.78
N ILE G 16 -28.03 -39.21 -3.71
CA ILE G 16 -27.50 -37.87 -3.50
C ILE G 16 -28.59 -37.08 -2.79
N PRO G 17 -28.51 -36.88 -1.47
CA PRO G 17 -29.63 -36.23 -0.77
C PRO G 17 -29.48 -34.72 -0.73
N ILE G 18 -30.46 -33.96 -1.24
CA ILE G 18 -30.34 -32.51 -1.29
C ILE G 18 -31.47 -31.87 -0.48
N ARG G 19 -31.26 -30.59 -0.16
CA ARG G 19 -32.17 -29.78 0.63
C ARG G 19 -31.85 -28.30 0.38
N PHE G 20 -32.89 -27.46 0.50
CA PHE G 20 -32.75 -26.02 0.36
C PHE G 20 -32.78 -25.34 1.72
N PHE G 21 -31.91 -24.34 1.89
CA PHE G 21 -31.78 -23.61 3.14
C PHE G 21 -32.21 -22.14 3.00
N ASP G 25 -33.79 -21.67 -3.89
CA ASP G 25 -32.96 -21.03 -4.91
C ASP G 25 -31.64 -21.77 -5.08
N ARG G 26 -30.97 -21.54 -6.22
CA ARG G 26 -29.67 -22.14 -6.48
C ARG G 26 -28.72 -21.97 -5.31
N SER G 27 -28.81 -20.84 -4.62
CA SER G 27 -27.89 -20.52 -3.54
C SER G 27 -28.17 -21.29 -2.27
N THR G 28 -29.43 -21.62 -2.01
CA THR G 28 -29.81 -22.28 -0.78
C THR G 28 -29.72 -23.79 -0.86
N LEU G 29 -29.37 -24.35 -2.03
CA LEU G 29 -29.28 -25.78 -2.21
C LEU G 29 -28.00 -26.34 -1.57
N LYS G 30 -28.15 -27.35 -0.74
CA LYS G 30 -27.03 -28.12 -0.22
C LYS G 30 -27.32 -29.61 -0.29
N ALA G 31 -26.27 -30.40 -0.39
CA ALA G 31 -26.35 -31.85 -0.39
C ALA G 31 -25.63 -32.39 0.84
N CYS G 32 -26.06 -33.57 1.27
CA CYS G 32 -25.52 -34.22 2.46
C CYS G 32 -24.35 -35.12 2.05
N PHE G 33 -23.14 -34.58 2.18
CA PHE G 33 -21.93 -35.37 1.99
C PHE G 33 -21.61 -36.14 3.26
N ILE G 34 -21.21 -37.39 3.12
CA ILE G 34 -20.89 -38.27 4.25
C ILE G 34 -19.45 -38.71 4.11
N CYS G 35 -18.86 -39.11 5.24
CA CYS G 35 -17.51 -39.62 5.31
C CYS G 35 -17.54 -41.10 5.62
N HIS G 36 -16.80 -41.90 4.85
CA HIS G 36 -16.85 -43.35 4.96
C HIS G 36 -15.83 -43.85 5.98
N THR G 37 -16.33 -44.45 7.08
CA THR G 37 -15.46 -44.88 8.16
C THR G 37 -14.36 -45.81 7.65
N ASP G 38 -14.70 -46.75 6.78
CA ASP G 38 -13.71 -47.67 6.21
C ASP G 38 -13.09 -47.04 4.97
N GLY G 39 -12.27 -46.02 5.21
CA GLY G 39 -11.55 -45.35 4.14
C GLY G 39 -11.46 -43.84 4.31
N LYS G 40 -12.30 -43.29 5.18
CA LYS G 40 -12.34 -41.84 5.43
C LYS G 40 -12.55 -41.00 4.17
N HIS G 41 -12.78 -41.64 3.02
CA HIS G 41 -13.15 -40.89 1.81
C HIS G 41 -14.61 -40.44 1.89
N TRP G 42 -14.91 -39.37 1.18
CA TRP G 42 -16.22 -38.73 1.22
C TRP G 42 -17.05 -39.15 0.00
N GLY G 43 -18.35 -39.06 0.15
CA GLY G 43 -19.27 -39.40 -0.93
C GLY G 43 -20.72 -39.25 -0.50
N PHE G 44 -21.59 -40.10 -1.04
CA PHE G 44 -22.99 -40.03 -0.72
C PHE G 44 -23.44 -41.38 -0.15
N PRO G 45 -24.51 -41.41 0.65
CA PRO G 45 -24.91 -42.69 1.23
C PRO G 45 -25.19 -43.70 0.13
N LYS G 46 -24.72 -44.92 0.33
CA LYS G 46 -24.87 -45.94 -0.70
C LYS G 46 -24.66 -47.29 -0.05
N GLY G 47 -25.19 -48.34 -0.69
CA GLY G 47 -25.01 -49.68 -0.16
C GLY G 47 -25.54 -50.76 -1.07
N HIS G 48 -25.53 -51.98 -0.55
CA HIS G 48 -25.76 -53.18 -1.34
C HIS G 48 -27.24 -53.56 -1.36
N ALA G 49 -27.69 -54.06 -2.51
CA ALA G 49 -29.06 -54.54 -2.63
C ALA G 49 -29.26 -55.77 -1.75
N GLU G 50 -30.27 -55.71 -0.88
CA GLU G 50 -30.63 -56.82 0.00
C GLU G 50 -31.79 -57.62 -0.60
N GLU G 51 -32.06 -58.78 0.01
CA GLU G 51 -33.13 -59.68 -0.40
C GLU G 51 -33.21 -59.80 -1.91
N LYS G 52 -34.30 -59.33 -2.51
CA LYS G 52 -34.39 -59.11 -3.96
C LYS G 52 -34.92 -57.70 -4.23
N GLU G 53 -34.38 -56.72 -3.51
CA GLU G 53 -34.80 -55.33 -3.64
C GLU G 53 -34.56 -54.82 -5.05
N GLY G 54 -35.37 -53.86 -5.43
CA GLY G 54 -35.07 -53.04 -6.58
C GLY G 54 -33.96 -52.06 -6.26
N PRO G 55 -33.28 -51.56 -7.29
CA PRO G 55 -32.29 -50.49 -7.07
C PRO G 55 -32.78 -49.34 -6.21
N GLN G 56 -34.02 -48.89 -6.40
CA GLN G 56 -34.52 -47.71 -5.69
C GLN G 56 -34.85 -48.03 -4.24
N GLU G 57 -35.40 -49.22 -4.01
CA GLU G 57 -35.64 -49.71 -2.65
C GLU G 57 -34.33 -49.82 -1.86
N ALA G 58 -33.27 -50.31 -2.49
CA ALA G 58 -31.98 -50.45 -1.82
C ALA G 58 -31.37 -49.08 -1.52
N ALA G 59 -31.41 -48.16 -2.49
CA ALA G 59 -30.91 -46.81 -2.24
C ALA G 59 -31.66 -46.17 -1.09
N GLU G 60 -32.99 -46.27 -1.11
CA GLU G 60 -33.80 -45.67 -0.06
C GLU G 60 -33.46 -46.29 1.29
N ARG G 61 -33.38 -47.63 1.34
CA ARG G 61 -33.08 -48.30 2.61
C ARG G 61 -31.72 -47.88 3.16
N GLU G 62 -30.68 -47.93 2.32
CA GLU G 62 -29.35 -47.55 2.77
C GLU G 62 -29.28 -46.09 3.22
N LEU G 63 -30.05 -45.21 2.57
CA LEU G 63 -30.10 -43.83 3.02
C LEU G 63 -30.61 -43.74 4.45
N VAL G 64 -31.69 -44.46 4.77
CA VAL G 64 -32.24 -44.40 6.12
C VAL G 64 -31.27 -45.05 7.11
N GLU G 65 -30.77 -46.24 6.78
CA GLU G 65 -29.78 -46.91 7.62
C GLU G 65 -28.63 -45.97 7.95
N GLU G 66 -28.11 -45.27 6.95
CA GLU G 66 -26.85 -44.56 7.09
C GLU G 66 -27.01 -43.13 7.61
N THR G 67 -28.16 -42.49 7.38
CA THR G 67 -28.37 -41.11 7.83
C THR G 67 -29.68 -40.88 8.55
N GLY G 68 -30.57 -41.87 8.62
CA GLY G 68 -31.89 -41.64 9.17
C GLY G 68 -32.78 -40.72 8.35
N LEU G 69 -32.28 -40.13 7.26
CA LEU G 69 -33.09 -39.23 6.45
C LEU G 69 -34.14 -40.00 5.66
N GLY G 70 -35.14 -39.26 5.19
CA GLY G 70 -36.22 -39.83 4.41
C GLY G 70 -36.50 -38.97 3.20
N ILE G 71 -37.21 -39.56 2.24
CA ILE G 71 -37.38 -38.95 0.93
C ILE G 71 -38.60 -38.03 0.93
N VAL G 72 -38.50 -36.93 0.20
CA VAL G 72 -39.63 -36.08 -0.16
C VAL G 72 -39.96 -36.37 -1.62
N ASN G 73 -39.17 -35.83 -2.53
CA ASN G 73 -39.25 -36.20 -3.92
C ASN G 73 -38.09 -37.01 -4.41
N PHE G 74 -38.24 -37.51 -5.60
CA PHE G 74 -37.17 -38.00 -6.38
C PHE G 74 -37.12 -37.08 -7.55
N PHE G 75 -35.93 -36.81 -8.00
CA PHE G 75 -35.71 -36.16 -9.28
C PHE G 75 -35.64 -37.20 -10.38
N PRO G 76 -36.08 -36.89 -11.59
CA PRO G 76 -36.07 -37.91 -12.66
C PRO G 76 -34.70 -38.09 -13.31
N LYS G 77 -33.74 -38.59 -12.53
CA LYS G 77 -32.40 -38.83 -13.06
C LYS G 77 -31.60 -39.73 -12.13
N ILE G 78 -30.73 -40.55 -12.72
CA ILE G 78 -29.72 -41.28 -11.98
C ILE G 78 -28.36 -40.92 -12.55
N PHE G 79 -27.32 -41.22 -11.78
CA PHE G 79 -25.93 -41.04 -12.14
C PHE G 79 -25.17 -42.31 -11.78
N VAL G 80 -24.23 -42.71 -12.62
CA VAL G 80 -23.56 -44.00 -12.48
C VAL G 80 -22.04 -43.81 -12.46
N GLU G 81 -21.36 -44.56 -11.60
CA GLU G 81 -19.90 -44.58 -11.52
C GLU G 81 -19.40 -46.02 -11.41
N ASN G 82 -18.16 -46.23 -11.86
CA ASN G 82 -17.50 -47.53 -11.85
C ASN G 82 -16.03 -47.38 -11.48
N TYR G 83 -15.54 -48.24 -10.58
CA TYR G 83 -14.15 -48.20 -10.13
C TYR G 83 -13.72 -49.60 -9.71
N SER G 84 -12.46 -49.71 -9.27
CA SER G 84 -11.87 -51.01 -8.94
C SER G 84 -10.94 -50.91 -7.74
N PHE G 85 -10.75 -52.03 -7.06
CA PHE G 85 -9.90 -52.10 -5.88
C PHE G 85 -9.73 -53.56 -5.47
N ASN G 86 -8.63 -53.83 -4.76
CA ASN G 86 -8.36 -55.17 -4.23
C ASN G 86 -9.41 -55.57 -3.20
N PHE G 92 -9.68 -58.76 -5.87
CA PHE G 92 -9.88 -57.65 -6.79
C PHE G 92 -11.34 -57.51 -7.18
N VAL G 93 -11.90 -56.32 -6.98
CA VAL G 93 -13.33 -56.06 -7.11
C VAL G 93 -13.55 -55.02 -8.20
N ARG G 94 -14.58 -55.23 -9.01
CA ARG G 94 -15.07 -54.25 -9.98
C ARG G 94 -16.45 -53.78 -9.49
N LYS G 95 -16.55 -52.51 -9.12
CA LYS G 95 -17.74 -51.96 -8.48
C LYS G 95 -18.47 -51.01 -9.43
N GLU G 96 -19.79 -51.00 -9.30
CA GLU G 96 -20.67 -50.08 -10.03
C GLU G 96 -21.66 -49.50 -9.03
N VAL G 97 -21.80 -48.17 -9.04
CA VAL G 97 -22.66 -47.48 -8.09
C VAL G 97 -23.65 -46.64 -8.87
N THR G 98 -24.92 -46.73 -8.48
CA THR G 98 -25.99 -45.99 -9.12
C THR G 98 -26.61 -45.10 -8.08
N TYR G 99 -26.55 -43.79 -8.31
CA TYR G 99 -27.10 -42.80 -7.39
C TYR G 99 -28.42 -42.27 -7.92
N PHE G 100 -29.46 -42.34 -7.09
CA PHE G 100 -30.66 -41.54 -7.25
C PHE G 100 -30.42 -40.14 -6.67
N LEU G 101 -31.31 -39.21 -7.03
CA LEU G 101 -31.24 -37.81 -6.60
C LEU G 101 -32.56 -37.49 -5.94
N ALA G 102 -32.52 -37.07 -4.67
CA ALA G 102 -33.74 -36.94 -3.89
C ALA G 102 -33.69 -35.73 -2.96
N GLU G 103 -34.78 -34.95 -2.97
CA GLU G 103 -35.04 -34.00 -1.90
C GLU G 103 -35.44 -34.79 -0.65
N VAL G 104 -34.77 -34.51 0.47
CA VAL G 104 -34.91 -35.34 1.66
C VAL G 104 -35.37 -34.49 2.84
N LYS G 105 -35.86 -35.17 3.88
CA LYS G 105 -36.40 -34.54 5.08
C LYS G 105 -36.02 -35.36 6.30
N GLY G 106 -35.74 -34.66 7.39
CA GLY G 106 -35.48 -35.26 8.68
C GLY G 106 -34.24 -34.69 9.33
N GLU G 107 -33.96 -35.19 10.53
CA GLU G 107 -32.74 -34.87 11.25
C GLU G 107 -31.77 -36.01 11.06
N VAL G 108 -30.52 -35.69 10.72
CA VAL G 108 -29.52 -36.72 10.51
C VAL G 108 -29.32 -37.49 11.80
N HIS G 109 -29.30 -38.82 11.69
CA HIS G 109 -28.91 -39.71 12.78
C HIS G 109 -27.93 -40.68 12.16
N ALA G 110 -26.67 -40.23 12.05
CA ALA G 110 -25.67 -41.04 11.37
C ALA G 110 -25.55 -42.42 12.01
N ASP G 111 -25.23 -43.39 11.17
CA ASP G 111 -24.88 -44.71 11.67
C ASP G 111 -23.41 -44.71 12.05
N PRO G 112 -23.05 -44.97 13.30
CA PRO G 112 -21.64 -44.85 13.70
C PRO G 112 -20.74 -45.96 13.16
N ASP G 113 -21.30 -47.07 12.66
CA ASP G 113 -20.45 -48.14 12.16
C ASP G 113 -19.87 -47.81 10.79
N GLU G 114 -20.69 -47.25 9.89
CA GLU G 114 -20.27 -47.00 8.51
C GLU G 114 -19.78 -45.58 8.28
N ILE G 115 -20.33 -44.60 8.99
CA ILE G 115 -20.10 -43.18 8.73
C ILE G 115 -19.40 -42.57 9.94
N CYS G 116 -18.47 -41.66 9.68
CA CYS G 116 -17.76 -40.94 10.74
C CYS G 116 -17.90 -39.43 10.65
N ASP G 117 -18.56 -38.91 9.62
CA ASP G 117 -18.68 -37.47 9.45
C ASP G 117 -19.82 -37.18 8.47
N VAL G 118 -20.42 -36.01 8.61
CA VAL G 118 -21.53 -35.58 7.74
C VAL G 118 -21.48 -34.07 7.62
N GLN G 119 -21.82 -33.56 6.44
CA GLN G 119 -21.72 -32.13 6.16
C GLN G 119 -22.71 -31.75 5.08
N TRP G 120 -23.61 -30.82 5.39
CA TRP G 120 -24.46 -30.21 4.38
C TRP G 120 -23.66 -29.16 3.65
N LEU G 121 -23.37 -29.38 2.36
CA LEU G 121 -22.62 -28.42 1.56
C LEU G 121 -23.23 -28.29 0.18
N SER G 122 -23.05 -27.10 -0.40
CA SER G 122 -23.22 -26.94 -1.83
C SER G 122 -22.36 -27.96 -2.57
N PHE G 123 -22.74 -28.23 -3.82
CA PHE G 123 -21.95 -29.15 -4.64
C PHE G 123 -20.53 -28.64 -4.81
N GLN G 124 -20.37 -27.32 -4.95
CA GLN G 124 -19.04 -26.74 -5.17
C GLN G 124 -18.15 -26.93 -3.95
N GLU G 125 -18.70 -26.71 -2.76
CA GLU G 125 -17.93 -26.87 -1.52
C GLU G 125 -17.66 -28.34 -1.26
N GLY G 126 -18.62 -29.21 -1.54
CA GLY G 126 -18.40 -30.63 -1.30
C GLY G 126 -17.40 -31.23 -2.25
N LEU G 127 -17.30 -30.66 -3.46
CA LEU G 127 -16.35 -31.18 -4.44
C LEU G 127 -14.92 -31.15 -3.91
N ARG G 128 -14.61 -30.16 -3.06
CA ARG G 128 -13.26 -30.01 -2.53
C ARG G 128 -12.88 -31.17 -1.63
N LEU G 129 -13.87 -31.80 -1.00
CA LEU G 129 -13.65 -32.95 -0.13
C LEU G 129 -13.36 -34.24 -0.90
N LEU G 130 -13.60 -34.25 -2.21
CA LEU G 130 -13.56 -35.45 -3.02
C LEU G 130 -12.26 -35.54 -3.81
N ASN G 131 -11.70 -36.75 -3.89
CA ASN G 131 -10.46 -36.96 -4.62
C ASN G 131 -10.61 -37.88 -5.84
N PHE G 132 -11.35 -38.96 -5.72
CA PHE G 132 -11.48 -39.85 -6.87
C PHE G 132 -12.22 -39.14 -8.01
N PRO G 133 -11.75 -39.27 -9.25
CA PRO G 133 -12.39 -38.55 -10.36
C PRO G 133 -13.80 -39.00 -10.71
N GLU G 134 -14.16 -40.25 -10.44
CA GLU G 134 -15.48 -40.73 -10.80
C GLU G 134 -16.57 -40.04 -9.98
N ILE G 135 -16.39 -39.95 -8.67
CA ILE G 135 -17.39 -39.23 -7.89
C ILE G 135 -17.29 -37.72 -8.15
N ARG G 136 -16.08 -37.19 -8.39
CA ARG G 136 -15.96 -35.78 -8.78
C ARG G 136 -16.78 -35.45 -10.04
N ASN G 137 -16.86 -36.38 -11.00
CA ASN G 137 -17.70 -36.13 -12.17
C ASN G 137 -19.19 -36.23 -11.84
N ILE G 138 -19.57 -37.16 -10.97
CA ILE G 138 -20.97 -37.28 -10.56
C ILE G 138 -21.46 -35.96 -9.95
N VAL G 139 -20.67 -35.42 -9.03
CA VAL G 139 -21.06 -34.18 -8.38
C VAL G 139 -21.22 -33.07 -9.42
N THR G 140 -20.26 -32.98 -10.35
CA THR G 140 -20.31 -31.92 -11.33
C THR G 140 -21.55 -32.07 -12.21
N GLU G 141 -21.90 -33.30 -12.56
CA GLU G 141 -23.08 -33.58 -13.37
C GLU G 141 -24.36 -33.30 -12.59
N ALA G 142 -24.41 -33.72 -11.33
CA ALA G 142 -25.60 -33.46 -10.50
C ALA G 142 -25.84 -31.97 -10.37
N ASP G 143 -24.77 -31.19 -10.15
CA ASP G 143 -24.93 -29.74 -10.05
C ASP G 143 -25.51 -29.17 -11.33
N LYS G 144 -24.94 -29.54 -12.47
CA LYS G 144 -25.44 -29.05 -13.75
C LYS G 144 -26.89 -29.45 -13.98
N PHE G 145 -27.28 -30.62 -13.49
CA PHE G 145 -28.65 -31.08 -13.70
C PHE G 145 -29.64 -30.26 -12.89
N VAL G 146 -29.38 -30.11 -11.59
CA VAL G 146 -30.33 -29.38 -10.75
C VAL G 146 -30.53 -27.97 -11.28
N GLN G 147 -29.49 -27.37 -11.87
CA GLN G 147 -29.61 -26.02 -12.41
C GLN G 147 -30.62 -25.99 -13.56
N SER G 148 -30.35 -26.75 -14.62
CA SER G 148 -31.25 -26.76 -15.76
C SER G 148 -32.65 -27.23 -15.37
N TYR G 149 -32.73 -28.29 -14.56
CA TYR G 149 -34.02 -28.89 -14.28
C TYR G 149 -34.87 -28.06 -13.32
N LEU G 150 -34.27 -27.13 -12.57
CA LEU G 150 -35.04 -26.30 -11.65
C LEU G 150 -34.98 -24.81 -11.92
N PHE G 151 -33.88 -24.31 -12.45
CA PHE G 151 -33.64 -22.87 -12.51
C PHE G 151 -33.25 -22.43 -13.91
N LYS H 8 23.56 -0.71 -13.04
CA LYS H 8 22.23 -0.72 -12.42
C LYS H 8 21.52 0.64 -12.55
N HIS H 9 20.33 0.62 -13.12
CA HIS H 9 19.49 1.81 -13.28
C HIS H 9 18.30 1.73 -12.32
N GLU H 10 18.10 2.78 -11.54
CA GLU H 10 17.04 2.87 -10.55
C GLU H 10 16.11 4.02 -10.90
N TYR H 11 14.80 3.75 -10.82
CA TYR H 11 13.76 4.72 -11.16
C TYR H 11 12.83 4.90 -9.96
N SER H 12 12.62 6.15 -9.52
CA SER H 12 11.76 6.41 -8.36
C SER H 12 10.81 7.56 -8.64
N PHE H 13 9.75 7.63 -7.83
CA PHE H 13 8.68 8.60 -8.00
C PHE H 13 8.27 9.13 -6.65
N GLY H 14 8.07 10.45 -6.59
CA GLY H 14 7.76 11.11 -5.34
C GLY H 14 6.88 12.35 -5.48
N VAL H 15 6.62 12.98 -4.35
CA VAL H 15 5.74 14.16 -4.33
C VAL H 15 6.43 15.22 -3.53
N ILE H 16 6.44 16.44 -4.07
CA ILE H 16 6.76 17.66 -3.34
C ILE H 16 5.47 18.11 -2.67
N PRO H 17 5.28 17.84 -1.37
CA PRO H 17 3.99 18.11 -0.73
C PRO H 17 3.93 19.55 -0.25
N ILE H 18 2.92 20.33 -0.63
CA ILE H 18 2.83 21.72 -0.23
C ILE H 18 1.47 22.00 0.39
N ARG H 19 1.46 23.01 1.24
CA ARG H 19 0.29 23.36 2.04
C ARG H 19 0.29 24.87 2.15
N PHE H 20 -0.89 25.47 2.18
CA PHE H 20 -1.00 26.92 2.36
C PHE H 20 -1.38 27.17 3.81
N PHE H 21 -0.38 27.58 4.61
CA PHE H 21 -0.59 27.97 6.00
C PHE H 21 -1.21 29.37 6.00
N GLY H 22 -2.51 29.41 5.74
CA GLY H 22 -3.22 30.66 5.50
C GLY H 22 -4.01 30.57 4.22
N THR H 23 -4.32 31.72 3.59
CA THR H 23 -5.07 31.74 2.35
C THR H 23 -4.13 31.63 1.16
N PRO H 24 -4.38 30.72 0.19
CA PRO H 24 -3.46 30.53 -0.95
C PRO H 24 -2.78 31.77 -1.50
N ASP H 25 -1.46 31.67 -1.63
CA ASP H 25 -0.56 32.72 -2.08
C ASP H 25 0.83 32.13 -2.08
N ARG H 26 1.72 32.71 -2.87
CA ARG H 26 3.12 32.28 -2.84
C ARG H 26 3.78 32.59 -1.50
N SER H 27 3.25 33.54 -0.72
CA SER H 27 3.85 33.89 0.57
C SER H 27 3.42 32.96 1.69
N THR H 28 2.29 32.27 1.53
CA THR H 28 1.78 31.37 2.54
C THR H 28 2.12 29.91 2.26
N LEU H 29 2.79 29.63 1.14
CA LEU H 29 3.10 28.25 0.77
C LEU H 29 4.25 27.70 1.58
N LYS H 30 4.11 26.46 2.05
CA LYS H 30 5.21 25.72 2.65
C LYS H 30 5.23 24.31 2.09
N ALA H 31 6.45 23.75 1.99
CA ALA H 31 6.70 22.39 1.54
C ALA H 31 7.10 21.53 2.71
N CYS H 32 6.76 20.25 2.62
CA CYS H 32 7.10 19.24 3.63
C CYS H 32 8.44 18.61 3.25
N PHE H 33 9.52 19.15 3.80
CA PHE H 33 10.82 18.51 3.71
C PHE H 33 10.92 17.37 4.73
N ILE H 34 11.55 16.29 4.34
CA ILE H 34 11.65 15.12 5.19
C ILE H 34 13.12 14.71 5.28
N CYS H 35 13.47 14.05 6.39
CA CYS H 35 14.83 13.60 6.65
C CYS H 35 14.89 12.08 6.46
N HIS H 36 15.61 11.65 5.42
CA HIS H 36 15.71 10.23 5.11
C HIS H 36 16.44 9.50 6.23
N THR H 37 15.76 8.50 6.80
CA THR H 37 16.38 7.69 7.85
C THR H 37 17.68 7.03 7.36
N ASP H 38 17.68 6.53 6.11
CA ASP H 38 18.86 5.90 5.52
C ASP H 38 19.68 6.96 4.80
N GLY H 39 20.60 7.59 5.54
CA GLY H 39 21.53 8.57 5.00
C GLY H 39 21.42 9.93 5.67
N LYS H 40 20.26 10.24 6.25
CA LYS H 40 20.01 11.47 6.99
C LYS H 40 20.07 12.73 6.11
N HIS H 41 20.09 12.59 4.80
CA HIS H 41 19.98 13.75 3.91
C HIS H 41 18.52 14.17 3.76
N TRP H 42 18.29 15.46 3.51
CA TRP H 42 16.93 15.98 3.43
C TRP H 42 16.42 15.97 1.98
N GLY H 43 15.11 15.89 1.82
CA GLY H 43 14.50 15.85 0.51
C GLY H 43 12.99 15.74 0.60
N PHE H 44 12.38 14.94 -0.28
CA PHE H 44 10.93 14.74 -0.37
C PHE H 44 10.61 13.26 -0.51
N PRO H 45 9.39 12.86 -0.12
CA PRO H 45 9.04 11.43 -0.19
C PRO H 45 9.09 10.91 -1.61
N LYS H 46 9.57 9.67 -1.76
CA LYS H 46 9.69 9.06 -3.08
C LYS H 46 9.84 7.56 -2.86
N GLY H 47 9.55 6.79 -3.91
CA GLY H 47 9.83 5.37 -3.87
C GLY H 47 9.58 4.69 -5.21
N HIS H 48 9.65 3.39 -5.18
CA HIS H 48 9.68 2.61 -6.41
C HIS H 48 8.28 2.21 -6.82
N ALA H 49 8.06 2.17 -8.13
CA ALA H 49 6.77 1.78 -8.65
C ALA H 49 6.57 0.28 -8.48
N GLU H 50 5.32 -0.11 -8.24
CA GLU H 50 4.95 -1.51 -8.12
C GLU H 50 4.23 -1.96 -9.40
N GLU H 51 3.94 -3.27 -9.47
CA GLU H 51 3.55 -4.00 -10.67
C GLU H 51 2.91 -3.15 -11.78
N LYS H 52 1.67 -2.70 -11.61
CA LYS H 52 0.91 -2.09 -12.70
C LYS H 52 0.70 -0.59 -12.51
N GLU H 53 1.64 0.08 -11.85
CA GLU H 53 1.52 1.49 -11.53
C GLU H 53 2.15 2.39 -12.60
N GLY H 54 1.51 3.52 -12.87
CA GLY H 54 2.17 4.60 -13.55
C GLY H 54 2.99 5.42 -12.58
N PRO H 55 3.79 6.34 -13.12
CA PRO H 55 4.57 7.24 -12.25
C PRO H 55 3.75 7.95 -11.18
N GLN H 56 2.54 8.42 -11.50
CA GLN H 56 1.79 9.21 -10.52
C GLN H 56 1.16 8.31 -9.46
N GLU H 57 0.66 7.15 -9.87
CA GLU H 57 0.17 6.16 -8.92
C GLU H 57 1.27 5.75 -7.93
N ALA H 58 2.49 5.56 -8.44
CA ALA H 58 3.59 5.20 -7.55
C ALA H 58 3.90 6.32 -6.59
N ALA H 59 3.95 7.55 -7.07
CA ALA H 59 4.29 8.67 -6.20
C ALA H 59 3.20 8.88 -5.14
N GLU H 60 1.93 8.78 -5.55
CA GLU H 60 0.85 8.98 -4.60
C GLU H 60 0.87 7.94 -3.51
N ARG H 61 1.04 6.66 -3.87
CA ARG H 61 1.08 5.61 -2.87
C ARG H 61 2.26 5.80 -1.93
N GLU H 62 3.45 6.11 -2.49
CA GLU H 62 4.62 6.31 -1.64
C GLU H 62 4.43 7.48 -0.69
N LEU H 63 3.81 8.55 -1.16
CA LEU H 63 3.53 9.70 -0.29
C LEU H 63 2.68 9.28 0.92
N VAL H 64 1.65 8.47 0.66
CA VAL H 64 0.74 8.09 1.73
C VAL H 64 1.41 7.13 2.68
N GLU H 65 2.13 6.14 2.14
CA GLU H 65 2.84 5.18 2.97
C GLU H 65 3.83 5.87 3.90
N GLU H 66 4.56 6.88 3.39
CA GLU H 66 5.69 7.43 4.11
C GLU H 66 5.31 8.59 5.04
N THR H 67 4.24 9.34 4.72
CA THR H 67 3.85 10.52 5.50
C THR H 67 2.42 10.49 6.01
N GLY H 68 1.56 9.61 5.50
CA GLY H 68 0.15 9.71 5.80
C GLY H 68 -0.56 10.92 5.23
N LEU H 69 0.09 11.76 4.42
CA LEU H 69 -0.56 12.90 3.80
C LEU H 69 -1.42 12.45 2.62
N GLY H 70 -2.51 13.19 2.39
CA GLY H 70 -3.40 12.96 1.26
C GLY H 70 -3.32 14.08 0.25
N ILE H 71 -3.68 13.80 -1.00
CA ILE H 71 -3.54 14.75 -2.10
C ILE H 71 -4.84 15.52 -2.26
N VAL H 72 -4.75 16.85 -2.28
CA VAL H 72 -5.88 17.73 -2.56
C VAL H 72 -5.97 18.06 -4.05
N ASN H 73 -4.84 18.40 -4.67
CA ASN H 73 -4.76 18.86 -6.05
C ASN H 73 -3.34 18.68 -6.56
N PHE H 74 -3.19 18.25 -7.80
CA PHE H 74 -1.88 18.25 -8.44
C PHE H 74 -1.69 19.56 -9.19
N PHE H 75 -0.54 20.03 -9.16
CA PHE H 75 -0.15 21.06 -10.12
C PHE H 75 0.30 20.40 -11.42
N PRO H 76 0.19 21.12 -12.58
CA PRO H 76 0.47 20.51 -13.90
C PRO H 76 1.95 20.60 -14.28
N LYS H 77 2.81 20.03 -13.43
CA LYS H 77 4.24 20.01 -13.72
C LYS H 77 4.91 18.90 -12.91
N ILE H 78 5.93 18.29 -13.51
CA ILE H 78 6.82 17.34 -12.85
C ILE H 78 8.26 17.89 -12.88
N PHE H 79 9.11 17.35 -11.99
CA PHE H 79 10.50 17.77 -11.88
C PHE H 79 11.36 16.52 -11.78
N VAL H 80 12.42 16.43 -12.58
CA VAL H 80 13.23 15.22 -12.66
C VAL H 80 14.65 15.55 -12.21
N GLU H 81 15.24 14.67 -11.39
CA GLU H 81 16.64 14.73 -11.00
C GLU H 81 17.35 13.43 -11.38
N ASN H 82 18.65 13.53 -11.66
CA ASN H 82 19.48 12.36 -11.98
C ASN H 82 20.75 12.46 -11.16
N TYR H 83 21.15 11.35 -10.53
CA TYR H 83 22.38 11.32 -9.76
C TYR H 83 22.87 9.89 -9.72
N SER H 84 24.12 9.72 -9.28
CA SER H 84 24.75 8.40 -9.25
C SER H 84 25.46 8.20 -7.93
N PHE H 85 25.59 6.93 -7.55
CA PHE H 85 26.24 6.58 -6.28
C PHE H 85 26.57 5.10 -6.31
N ASN H 86 27.38 4.71 -5.33
CA ASN H 86 27.63 3.31 -5.04
C ASN H 86 26.71 2.87 -3.91
N ASP H 87 25.95 1.80 -4.14
CA ASP H 87 25.01 1.35 -3.12
C ASP H 87 25.77 0.60 -2.02
N LYS H 88 25.03 0.13 -1.02
CA LYS H 88 25.64 -0.54 0.12
C LYS H 88 26.49 -1.73 -0.31
N GLU H 89 26.07 -2.43 -1.37
CA GLU H 89 26.83 -3.56 -1.94
C GLU H 89 28.00 -3.10 -2.80
N GLU H 90 28.30 -1.81 -2.81
CA GLU H 90 29.39 -1.24 -3.62
C GLU H 90 29.15 -1.38 -5.13
N ILE H 91 27.87 -1.54 -5.56
CA ILE H 91 27.51 -1.50 -6.97
C ILE H 91 27.23 -0.05 -7.36
N PHE H 92 27.54 0.27 -8.62
CA PHE H 92 27.35 1.60 -9.14
C PHE H 92 25.90 1.74 -9.64
N VAL H 93 25.23 2.80 -9.22
CA VAL H 93 23.81 3.02 -9.50
C VAL H 93 23.64 4.37 -10.18
N ARG H 94 22.91 4.37 -11.30
CA ARG H 94 22.42 5.60 -11.92
C ARG H 94 20.93 5.68 -11.62
N LYS H 95 20.53 6.74 -10.93
CA LYS H 95 19.18 6.84 -10.39
C LYS H 95 18.49 8.09 -10.93
N GLU H 96 17.22 7.93 -11.25
CA GLU H 96 16.36 9.01 -11.74
C GLU H 96 15.13 9.08 -10.85
N VAL H 97 14.74 10.29 -10.46
CA VAL H 97 13.60 10.55 -9.58
C VAL H 97 12.72 11.58 -10.26
N THR H 98 11.44 11.28 -10.35
CA THR H 98 10.45 12.19 -10.93
C THR H 98 9.49 12.61 -9.82
N TYR H 99 9.46 13.89 -9.52
CA TYR H 99 8.60 14.42 -8.47
C TYR H 99 7.39 15.09 -9.10
N PHE H 100 6.21 14.74 -8.60
CA PHE H 100 5.01 15.52 -8.79
C PHE H 100 4.89 16.60 -7.73
N LEU H 101 4.02 17.56 -7.98
CA LEU H 101 3.88 18.72 -7.09
C LEU H 101 2.41 18.80 -6.73
N ALA H 102 2.10 18.73 -5.42
CA ALA H 102 0.72 18.55 -5.01
C ALA H 102 0.43 19.27 -3.71
N GLU H 103 -0.74 19.90 -3.68
CA GLU H 103 -1.30 20.41 -2.43
C GLU H 103 -1.85 19.21 -1.67
N VAL H 104 -1.52 19.14 -0.38
CA VAL H 104 -1.84 17.99 0.43
C VAL H 104 -2.62 18.47 1.65
N LYS H 105 -3.23 17.53 2.35
CA LYS H 105 -4.00 17.82 3.53
C LYS H 105 -3.75 16.73 4.57
N GLY H 106 -3.95 17.08 5.82
CA GLY H 106 -3.78 16.14 6.92
C GLY H 106 -2.49 16.41 7.69
N GLU H 107 -2.38 15.77 8.83
CA GLU H 107 -1.20 15.86 9.63
C GLU H 107 -0.31 14.70 9.31
N VAL H 108 0.96 14.98 9.23
CA VAL H 108 1.96 13.97 8.97
C VAL H 108 2.01 12.89 10.03
N HIS H 109 2.08 11.65 9.56
CA HIS H 109 2.39 10.50 10.39
C HIS H 109 3.42 9.70 9.64
N ALA H 110 4.69 9.85 10.01
CA ALA H 110 5.78 9.34 9.20
C ALA H 110 6.02 7.85 9.44
N ASP H 111 6.51 7.16 8.41
CA ASP H 111 7.04 5.81 8.56
C ASP H 111 8.49 5.90 9.01
N PRO H 112 8.80 5.51 10.26
CA PRO H 112 10.18 5.72 10.76
C PRO H 112 11.23 4.87 10.05
N ASP H 113 10.83 3.78 9.39
CA ASP H 113 11.76 3.04 8.52
C ASP H 113 12.36 3.94 7.44
N GLU H 114 11.66 5.00 7.03
CA GLU H 114 12.14 5.84 5.94
C GLU H 114 12.30 7.31 6.30
N ILE H 115 11.58 7.81 7.30
CA ILE H 115 11.54 9.23 7.57
C ILE H 115 11.67 9.40 9.09
N CYS H 116 12.62 10.21 9.53
CA CYS H 116 12.91 10.39 10.95
C CYS H 116 12.73 11.83 11.42
N ASP H 117 12.40 12.74 10.52
CA ASP H 117 12.07 14.11 10.88
C ASP H 117 11.37 14.75 9.70
N VAL H 118 10.60 15.81 9.98
CA VAL H 118 9.86 16.60 9.03
C VAL H 118 10.11 18.07 9.35
N GLN H 119 10.10 18.91 8.32
CA GLN H 119 10.16 20.36 8.55
C GLN H 119 9.38 21.05 7.44
N TRP H 120 8.30 21.72 7.80
CA TRP H 120 7.51 22.49 6.84
C TRP H 120 8.15 23.85 6.67
N LEU H 121 8.57 24.17 5.44
CA LEU H 121 9.35 25.38 5.18
C LEU H 121 9.00 25.94 3.81
N SER H 122 9.18 27.25 3.65
CA SER H 122 9.20 27.82 2.31
C SER H 122 10.34 27.18 1.50
N PHE H 123 10.16 27.12 0.17
CA PHE H 123 11.21 26.59 -0.68
C PHE H 123 12.53 27.30 -0.41
N GLN H 124 12.47 28.60 -0.14
CA GLN H 124 13.69 29.37 0.12
C GLN H 124 14.35 28.93 1.41
N GLU H 125 13.57 28.80 2.49
CA GLU H 125 14.17 28.34 3.74
C GLU H 125 14.66 26.89 3.64
N GLY H 126 13.93 26.05 2.91
CA GLY H 126 14.34 24.65 2.87
C GLY H 126 15.67 24.39 2.20
N LEU H 127 16.13 25.30 1.33
CA LEU H 127 17.40 25.09 0.65
C LEU H 127 18.55 24.92 1.65
N ARG H 128 18.52 25.67 2.75
CA ARG H 128 19.55 25.56 3.77
C ARG H 128 19.69 24.14 4.29
N LEU H 129 18.63 23.33 4.19
CA LEU H 129 18.69 21.94 4.63
C LEU H 129 19.43 21.05 3.67
N LEU H 130 19.53 21.46 2.40
CA LEU H 130 19.92 20.56 1.33
C LEU H 130 21.40 20.70 1.03
N ASN H 131 22.05 19.56 0.86
CA ASN H 131 23.46 19.48 0.52
C ASN H 131 23.70 19.02 -0.90
N PHE H 132 22.97 18.03 -1.39
CA PHE H 132 23.18 17.56 -2.75
C PHE H 132 22.70 18.62 -3.75
N PRO H 133 23.43 18.85 -4.84
CA PRO H 133 23.00 19.90 -5.78
C PRO H 133 21.74 19.51 -6.55
N GLU H 134 21.58 18.23 -6.87
CA GLU H 134 20.46 17.81 -7.70
C GLU H 134 19.12 18.14 -7.05
N ILE H 135 18.97 17.81 -5.77
CA ILE H 135 17.71 18.13 -5.08
C ILE H 135 17.57 19.62 -4.83
N ARG H 136 18.67 20.35 -4.60
CA ARG H 136 18.56 21.80 -4.51
C ARG H 136 17.98 22.42 -5.80
N ASN H 137 18.33 21.87 -6.96
CA ASN H 137 17.79 22.43 -8.20
C ASN H 137 16.32 22.07 -8.40
N ILE H 138 15.89 20.89 -7.92
CA ILE H 138 14.47 20.57 -7.84
C ILE H 138 13.72 21.68 -7.08
N VAL H 139 14.25 22.05 -5.92
CA VAL H 139 13.56 23.04 -5.08
C VAL H 139 13.55 24.41 -5.76
N THR H 140 14.65 24.77 -6.42
CA THR H 140 14.72 26.02 -7.19
C THR H 140 13.71 26.05 -8.31
N GLU H 141 13.60 24.95 -9.05
CA GLU H 141 12.64 24.88 -10.15
C GLU H 141 11.20 24.97 -9.63
N ALA H 142 10.91 24.27 -8.54
CA ALA H 142 9.56 24.28 -7.98
C ALA H 142 9.16 25.67 -7.54
N ASP H 143 10.07 26.36 -6.84
CA ASP H 143 9.81 27.74 -6.45
C ASP H 143 9.56 28.60 -7.69
N LYS H 144 10.45 28.54 -8.68
CA LYS H 144 10.23 29.33 -9.90
C LYS H 144 8.87 29.05 -10.52
N PHE H 145 8.46 27.78 -10.54
CA PHE H 145 7.16 27.42 -11.12
C PHE H 145 6.00 28.00 -10.32
N VAL H 146 6.04 27.88 -8.99
CA VAL H 146 4.91 28.35 -8.19
C VAL H 146 4.79 29.87 -8.28
N GLN H 147 5.93 30.58 -8.38
CA GLN H 147 5.90 32.02 -8.44
C GLN H 147 5.26 32.52 -9.74
N SER H 148 5.34 31.74 -10.81
CA SER H 148 4.68 32.11 -12.06
C SER H 148 3.26 31.58 -12.15
N TYR H 149 3.01 30.37 -11.66
CA TYR H 149 1.70 29.73 -11.82
C TYR H 149 0.63 30.44 -10.99
N LEU H 150 0.97 30.83 -9.76
CA LEU H 150 0.01 31.48 -8.88
C LEU H 150 0.03 32.99 -8.98
N PHE H 151 0.87 33.56 -9.87
CA PHE H 151 1.00 35.01 -10.03
C PHE H 151 1.52 35.63 -8.74
CL CL I . 10.58 20.82 26.41
P AMP J . 12.08 20.39 21.30
O1P AMP J . 10.63 20.46 21.76
O2P AMP J . 12.66 18.99 21.13
O3P AMP J . 12.98 21.19 22.25
O5' AMP J . 12.15 21.10 19.87
C5' AMP J . 11.85 22.49 19.72
C4' AMP J . 12.34 23.01 18.39
O4' AMP J . 13.78 22.90 18.35
C3' AMP J . 11.82 22.26 17.16
O3' AMP J . 11.74 23.18 16.08
C2' AMP J . 12.93 21.26 16.87
O2' AMP J . 13.02 20.88 15.52
C1' AMP J . 14.17 22.06 17.27
N9 AMP J . 15.29 21.23 17.72
C8 AMP J . 15.20 20.17 18.55
N7 AMP J . 16.41 19.66 18.76
C5 AMP J . 17.31 20.42 18.05
C6 AMP J . 18.73 20.43 17.88
N6 AMP J . 19.56 19.45 18.51
N1 AMP J . 19.31 21.36 17.08
C2 AMP J . 18.58 22.30 16.47
N3 AMP J . 17.26 22.35 16.62
C4 AMP J . 16.58 21.43 17.38
P PO4 K . 5.70 20.39 28.18
O1 PO4 K . 4.41 19.86 28.75
O2 PO4 K . 6.58 19.23 27.77
O3 PO4 K . 5.48 21.22 26.93
O4 PO4 K . 6.38 21.25 29.24
MG MG L . 4.97 17.88 28.35
MG MG M . 7.29 17.71 26.56
MG MG N . 4.87 20.77 30.78
CL CL O . -11.88 -20.80 -26.85
P AMP P . -14.05 -19.11 -22.07
O1P AMP P . -13.51 -18.13 -23.09
O2P AMP P . -13.06 -19.54 -20.99
O3P AMP P . -14.56 -20.36 -22.84
O5' AMP P . -15.29 -18.48 -21.29
C5' AMP P . -16.47 -18.09 -21.99
C4' AMP P . -17.59 -17.74 -21.03
O4' AMP P . -17.96 -18.93 -20.28
C3' AMP P . -17.24 -16.69 -19.98
O3' AMP P . -18.42 -15.98 -19.59
C2' AMP P . -16.77 -17.53 -18.79
O2' AMP P . -16.91 -16.88 -17.54
C1' AMP P . -17.72 -18.73 -18.89
N9 AMP P . -17.16 -20.00 -18.38
C8 AMP P . -15.90 -20.44 -18.50
N7 AMP P . -15.80 -21.66 -17.96
C5 AMP P . -17.04 -22.02 -17.50
C6 AMP P . -17.59 -23.16 -16.84
N6 AMP P . -16.78 -24.30 -16.53
N1 AMP P . -18.90 -23.16 -16.53
C2 AMP P . -19.69 -22.13 -16.81
N3 AMP P . -19.23 -21.07 -17.41
C4 AMP P . -17.92 -20.95 -17.77
P PO4 Q . -9.18 -17.63 -29.93
O1 PO4 Q . -7.99 -16.92 -30.60
O2 PO4 Q . -8.74 -18.04 -28.51
O3 PO4 Q . -10.33 -16.68 -29.75
O4 PO4 Q . -9.60 -18.78 -30.82
MG MG R . -6.78 -17.28 -29.19
MG MG S . -8.18 -18.18 -26.54
MG MG T . -8.30 -18.09 -32.30
MG MG U . -4.82 16.67 -28.08
MG MG V . -9.38 19.12 -26.76
P PO4 W . -6.43 18.82 -26.42
O1 PO4 W . -6.82 18.79 -24.97
O2 PO4 W . -6.21 17.42 -27.05
O3 PO4 W . -7.54 19.57 -27.14
O4 PO4 W . -5.21 19.66 -26.65
P AMP X . -0.53 21.85 -30.27
O1P AMP X . -2.02 21.91 -29.90
O2P AMP X . 0.11 20.60 -30.85
O3P AMP X . 0.18 22.26 -28.97
O5' AMP X . -0.16 22.89 -31.41
C5' AMP X . -0.44 24.27 -31.26
C4' AMP X . 0.30 25.10 -32.28
O4' AMP X . 1.71 25.02 -32.01
C3' AMP X . 0.09 24.68 -33.74
O3' AMP X . -0.11 25.84 -34.55
C2' AMP X . 1.42 24.01 -34.11
O2' AMP X . 1.78 24.17 -35.46
C1' AMP X . 2.41 24.73 -33.20
N9 AMP X . 3.55 23.90 -32.81
C8 AMP X . 3.51 22.58 -32.51
N7 AMP X . 4.74 22.15 -32.18
C5 AMP X . 5.57 23.23 -32.22
C6 AMP X . 6.94 23.43 -31.95
N6 AMP X . 7.76 22.31 -31.54
N1 AMP X . 7.46 24.68 -32.11
C2 AMP X . 6.71 25.72 -32.50
N3 AMP X . 5.42 25.58 -32.76
C4 AMP X . 4.81 24.36 -32.63
MG MG Y . -7.64 15.90 -26.91
MG MG Z . -8.45 17.94 -24.18
CL CL AA . -26.24 18.66 8.78
P AMP BA . -30.11 19.00 12.38
O1P AMP BA . -29.36 20.12 11.68
O2P AMP BA . -29.52 18.45 13.68
O3P AMP BA . -30.28 17.88 11.36
O5' AMP BA . -31.59 19.43 12.76
C5' AMP BA . -32.58 19.60 11.76
C4' AMP BA . -33.98 19.56 12.35
O4' AMP BA . -34.31 18.18 12.66
C3' AMP BA . -34.18 20.34 13.66
O3' AMP BA . -35.52 20.84 13.69
C2' AMP BA . -34.00 19.25 14.73
O2' AMP BA . -34.66 19.52 15.95
C1' AMP BA . -34.62 18.04 14.03
N9 AMP BA . -34.06 16.77 14.48
C8 AMP BA . -32.76 16.53 14.71
N7 AMP BA . -32.61 15.25 15.08
C5 AMP BA . -33.84 14.66 15.08
C6 AMP BA . -34.33 13.36 15.39
N6 AMP BA . -33.41 12.33 15.79
N1 AMP BA . -35.67 13.11 15.28
C2 AMP BA . -36.51 14.06 14.91
N3 AMP BA . -36.10 15.29 14.62
C4 AMP BA . -34.78 15.64 14.69
P PO4 CA . -22.93 22.49 8.02
O1 PO4 CA . -21.70 23.41 7.91
O2 PO4 CA . -22.85 21.77 9.35
O3 PO4 CA . -24.19 23.34 7.99
O4 PO4 CA . -22.97 21.56 6.80
MG MG DA . -21.06 22.58 9.63
MG MG EA . -23.24 21.16 11.06
MG MG FA . -21.30 22.51 6.08
MG MG GA . -15.73 -13.54 -15.01
CL CL HA . -11.68 -8.71 5.01
P PO4 IA . -6.94 -7.77 2.81
O1 PO4 IA . -7.06 -6.83 3.99
O2 PO4 IA . -6.71 -9.19 3.28
O3 PO4 IA . -8.16 -7.76 1.95
O4 PO4 IA . -5.76 -7.32 1.96
P AMP JA . -14.56 -13.17 3.97
O1P AMP JA . -13.06 -12.99 3.72
O2P AMP JA . -15.50 -12.82 2.85
O3P AMP JA . -14.97 -12.40 5.22
O5' AMP JA . -14.80 -14.71 4.31
C5' AMP JA . -14.10 -15.39 5.35
C4' AMP JA . -14.84 -16.62 5.84
O4' AMP JA . -16.16 -16.26 6.30
C3' AMP JA . -15.05 -17.72 4.79
O3' AMP JA . -15.02 -18.99 5.43
C2' AMP JA . -16.45 -17.43 4.27
O2' AMP JA . -17.15 -18.52 3.69
C1' AMP JA . -17.15 -16.95 5.54
N9 AMP JA . -18.25 -16.04 5.27
C8 AMP JA . -18.26 -15.02 4.39
N7 AMP JA . -19.46 -14.43 4.40
C5 AMP JA . -20.24 -15.09 5.32
C6 AMP JA . -21.57 -14.96 5.81
N6 AMP JA . -22.43 -13.92 5.30
N1 AMP JA . -22.04 -15.84 6.75
C2 AMP JA . -21.25 -16.80 7.22
N3 AMP JA . -20.01 -16.96 6.81
C4 AMP JA . -19.45 -16.14 5.88
MG MG KA . -6.98 -6.96 0.36
MG MG LA . -9.74 -8.33 0.85
MG MG MA . -5.29 -5.60 3.29
P AMP NA . 45.87 9.26 21.38
O1P AMP NA . 47.15 8.82 20.68
O2P AMP NA . 44.68 9.55 20.48
O3P AMP NA . 46.15 10.49 22.30
O5' AMP NA . 45.43 8.01 22.28
C5' AMP NA . 46.30 7.48 23.25
C4' AMP NA . 45.52 6.75 24.31
O4' AMP NA . 44.47 7.61 24.82
C3' AMP NA . 44.82 5.48 23.84
O3' AMP NA . 44.77 4.55 24.92
C2' AMP NA . 43.42 5.97 23.53
O2' AMP NA . 42.42 4.99 23.58
C1' AMP NA . 43.21 6.99 24.65
N9 AMP NA . 42.25 8.05 24.36
C8 AMP NA . 42.14 8.80 23.24
N7 AMP NA . 41.14 9.70 23.42
C5 AMP NA . 40.60 9.53 24.67
C6 AMP NA . 39.56 10.12 25.43
N6 AMP NA . 38.78 11.23 24.93
N1 AMP NA . 39.31 9.67 26.69
C2 AMP NA . 40.02 8.67 27.21
N3 AMP NA . 40.99 8.09 26.53
C4 AMP NA . 41.32 8.47 25.27
P PO4 OA . 53.50 11.47 16.72
O1 PO4 OA . 54.52 10.83 15.79
O2 PO4 OA . 52.25 11.74 15.93
O3 PO4 OA . 53.15 10.53 17.85
O4 PO4 OA . 54.11 12.73 17.30
MG MG PA . 53.15 11.70 14.15
MG MG QA . 50.41 11.44 15.35
MG MG RA . 55.70 13.00 15.84
P AMP SA . -16.63 -47.88 -1.14
O1P AMP SA . -17.38 -48.55 0.01
O2P AMP SA . -16.85 -46.38 -1.33
O3P AMP SA . -16.96 -48.54 -2.48
O5' AMP SA . -15.06 -48.05 -0.85
C5' AMP SA . -14.43 -49.32 -0.89
C4' AMP SA . -13.01 -49.23 -1.41
O4' AMP SA . -13.00 -48.64 -2.73
C3' AMP SA . -12.05 -48.38 -0.56
O3' AMP SA . -10.75 -48.97 -0.58
C2' AMP SA . -12.01 -47.05 -1.32
O2' AMP SA . -10.86 -46.29 -1.09
C1' AMP SA . -12.11 -47.54 -2.76
N9 AMP SA . -12.66 -46.56 -3.69
C8 AMP SA . -13.77 -45.83 -3.53
N7 AMP SA . -13.98 -45.08 -4.62
C5 AMP SA . -12.99 -45.33 -5.52
C6 AMP SA . -12.66 -44.87 -6.82
N6 AMP SA . -13.49 -43.89 -7.50
N1 AMP SA . -11.56 -45.36 -7.44
C2 AMP SA . -10.80 -46.27 -6.85
N3 AMP SA . -11.06 -46.72 -5.63
C4 AMP SA . -12.14 -46.29 -4.93
P PO4 TA . -23.47 -50.97 3.14
O1 PO4 TA . -24.61 -50.40 3.94
O2 PO4 TA . -22.80 -49.89 2.31
O3 PO4 TA . -22.45 -51.59 4.09
O4 PO4 TA . -24.02 -52.07 2.26
MG MG UA . -25.11 -48.71 4.84
MG MG VA . -22.52 -47.94 2.53
MG MG WA . -25.93 -52.52 3.80
P AMP XA . 18.15 8.10 -1.95
O1P AMP XA . 17.26 7.13 -1.26
O2P AMP XA . 17.75 9.53 -1.76
O3P AMP XA . 18.13 7.69 -3.40
O5' AMP XA . 19.64 7.90 -1.42
C5' AMP XA . 20.29 6.64 -1.61
C4' AMP XA . 21.79 6.80 -1.62
O4' AMP XA . 22.15 7.76 -2.65
C3' AMP XA . 22.39 7.32 -0.32
O3' AMP XA . 23.67 6.76 -0.12
C2' AMP XA . 22.51 8.82 -0.58
O2' AMP XA . 23.52 9.45 0.16
C1' AMP XA . 22.83 8.85 -2.07
N9 AMP XA . 22.38 10.07 -2.73
C8 AMP XA . 21.20 10.70 -2.60
N7 AMP XA . 21.19 11.79 -3.36
C5 AMP XA . 22.39 11.86 -4.01
C6 AMP XA . 22.98 12.74 -4.94
N6 AMP XA . 22.25 13.90 -5.39
N1 AMP XA . 24.24 12.49 -5.39
C2 AMP XA . 24.93 11.43 -4.97
N3 AMP XA . 24.43 10.57 -4.11
C4 AMP XA . 23.17 10.75 -3.60
P PO4 YA . 10.36 2.81 -0.97
O1 PO4 YA . 9.19 2.37 -0.10
O2 PO4 YA . 10.45 4.32 -0.81
O3 PO4 YA . 11.67 2.21 -0.58
O4 PO4 YA . 10.10 2.39 -2.40
MG MG ZA . 8.64 4.23 0.51
MG MG AB . 11.06 6.22 -0.14
MG MG BB . 8.31 1.45 -1.87
MG MG CB . 11.05 18.58 12.44
CL CL DB . 13.65 5.74 -3.90
#